data_9K1G
#
_entry.id   9K1G
#
_cell.length_a   62.635
_cell.length_b   92.051
_cell.length_c   75.806
_cell.angle_alpha   90.00
_cell.angle_beta   104.53
_cell.angle_gamma   90.00
#
_symmetry.space_group_name_H-M   'P 1 21 1'
#
loop_
_entity.id
_entity.type
_entity.pdbx_description
1 polymer endo-1.3-fucanase
2 branched 2-O-sulfo-alpha-L-fucopyranose-(1-3)-alpha-L-fucopyranose-(1-3)-2,4-di-O-sulfo-alpha-L-fucopyranose-(1-3)-2-O-sulfo-alpha-L-fucopyranose
3 water water
#
_entity_poly.entity_id   1
_entity_poly.type   'polypeptide(L)'
_entity_poly.pdbx_seq_one_letter_code
;MGMKHHLLAAFFFISLSPLHAVDATATKNIASPLFQEQMFSLLPVAPDFPKTDFAVSTTTDFVPSKGPWSTTCSEESVFL
RSFHTVDLEGKPIELRVGKGGHLYSIQSAIGELVPPQWRHANHKTVSPWNDEVWQAVAVTSDPNKVFVHQSGCYVKPEEP
PFYAPCLAQSWSQEDKTFTMLSWGIVPQVTSTLVSEVLYYTRYRFVAPGVVEVTSGLFDFGKRNYLWLNTPWGGVRQTAL
GELWIADKSERGTAKWLNPMPRFGAAHDGALDSAGNTGGWMAFAEEGQDPNRYAMGLTFGRDVFPTTGMNSALLPRDKTL
IRFGQAGGKETRNYIVAVVIPRLGVISGHGVWWRYYMAFGAFEALKKQCPDWADKTSGGEMVVPSISSETRNFEKCIESG
VIPRDATLGSDLSRSHVFSPWPKPEYVPVFAFQLKKDSTWVVTTDPSKYAALGEKDSKGQELYSVAMSFSEIRLLGFTSI
SSNPSKAAALEHHHHHH
;
_entity_poly.pdbx_strand_id   A,B
#
loop_
_chem_comp.id
_chem_comp.type
_chem_comp.name
_chem_comp.formula
FUC L-saccharide, alpha linking alpha-L-fucopyranose 'C6 H12 O5'
X2Y L-saccharide, alpha linking 2,4-di-O-sulfo-alpha-L-fucopyranose 'C6 H12 O11 S2'
X6Y L-saccharide, alpha linking 2-O-sulfo-alpha-L-fucopyranose 'C6 H12 O8 S'
#
# COMPACT_ATOMS: atom_id res chain seq x y z
N PRO A 33 -2.15 -19.82 5.53
CA PRO A 33 -0.89 -19.20 5.97
C PRO A 33 0.33 -19.97 5.49
N LEU A 34 0.48 -21.22 5.98
CA LEU A 34 1.55 -22.07 5.48
C LEU A 34 1.18 -22.70 4.14
N PHE A 35 -0.11 -23.00 3.94
CA PHE A 35 -0.58 -23.45 2.64
C PHE A 35 -0.25 -22.43 1.56
N GLN A 36 -0.48 -21.15 1.84
CA GLN A 36 -0.33 -20.12 0.82
C GLN A 36 1.10 -20.00 0.33
N GLU A 37 2.08 -20.12 1.24
CA GLU A 37 3.46 -20.02 0.79
C GLU A 37 3.98 -21.31 0.17
N GLN A 38 3.42 -22.46 0.57
CA GLN A 38 3.80 -23.70 -0.08
C GLN A 38 3.39 -23.72 -1.55
N MET A 39 2.49 -22.83 -1.97
CA MET A 39 2.21 -22.66 -3.40
C MET A 39 3.44 -22.18 -4.13
N PHE A 40 4.27 -21.37 -3.49
CA PHE A 40 5.47 -20.81 -4.10
C PHE A 40 6.71 -21.67 -3.87
N SER A 41 6.56 -22.83 -3.24
CA SER A 41 7.69 -23.74 -3.07
C SER A 41 8.06 -24.46 -4.36
N LEU A 42 7.38 -24.16 -5.46
CA LEU A 42 7.68 -24.80 -6.73
C LEU A 42 8.84 -24.12 -7.45
N LEU A 43 8.94 -22.80 -7.33
CA LEU A 43 10.04 -22.09 -7.95
C LEU A 43 11.35 -22.44 -7.23
N PRO A 44 12.48 -22.37 -7.92
CA PRO A 44 13.76 -22.68 -7.26
C PRO A 44 14.08 -21.73 -6.12
N VAL A 45 14.86 -22.24 -5.17
CA VAL A 45 15.35 -21.41 -4.09
C VAL A 45 16.17 -20.27 -4.66
N ALA A 46 15.95 -19.07 -4.12
CA ALA A 46 16.70 -17.92 -4.57
C ALA A 46 18.19 -18.12 -4.28
N PRO A 47 19.08 -17.80 -5.21
CA PRO A 47 20.51 -17.92 -4.94
C PRO A 47 20.91 -17.06 -3.74
N ASP A 48 21.79 -17.61 -2.92
CA ASP A 48 22.18 -16.99 -1.65
C ASP A 48 23.29 -15.98 -1.90
N PHE A 49 22.91 -14.70 -2.04
CA PHE A 49 23.84 -13.59 -2.19
C PHE A 49 23.98 -12.84 -0.88
N PRO A 50 25.11 -12.17 -0.65
CA PRO A 50 25.23 -11.30 0.54
C PRO A 50 24.42 -10.03 0.34
N LYS A 51 23.57 -9.73 1.31
CA LYS A 51 22.64 -8.62 1.19
C LYS A 51 23.38 -7.28 1.13
N THR A 52 22.70 -6.28 0.58
CA THR A 52 23.19 -4.92 0.50
C THR A 52 22.26 -4.02 1.32
N ASP A 53 22.72 -2.81 1.60
CA ASP A 53 21.99 -1.85 2.42
C ASP A 53 21.38 -0.80 1.50
N PHE A 54 20.09 -0.95 1.18
CA PHE A 54 19.35 0.05 0.45
C PHE A 54 17.86 -0.15 0.75
N ALA A 55 17.09 0.91 0.52
CA ALA A 55 15.69 0.94 0.92
C ALA A 55 14.78 0.54 -0.24
N VAL A 56 13.72 -0.20 0.10
CA VAL A 56 12.67 -0.53 -0.85
C VAL A 56 11.34 -0.56 -0.10
N SER A 57 10.35 0.16 -0.61
CA SER A 57 9.01 0.15 -0.07
C SER A 57 8.04 -0.33 -1.13
N THR A 58 6.92 -0.88 -0.69
CA THR A 58 5.93 -1.45 -1.59
C THR A 58 4.53 -0.98 -1.19
N THR A 59 3.67 -0.82 -2.18
CA THR A 59 2.31 -0.36 -1.95
C THR A 59 1.38 -1.02 -2.96
N THR A 60 0.15 -1.29 -2.52
CA THR A 60 -0.91 -1.76 -3.40
C THR A 60 -2.02 -0.73 -3.54
N ASP A 61 -1.77 0.50 -3.14
CA ASP A 61 -2.73 1.59 -3.27
C ASP A 61 -2.38 2.40 -4.51
N PHE A 62 -3.29 2.41 -5.47
CA PHE A 62 -2.99 2.98 -6.79
C PHE A 62 -2.95 4.49 -6.74
N VAL A 63 -1.85 5.06 -7.22
CA VAL A 63 -1.77 6.47 -7.59
C VAL A 63 -1.29 6.49 -9.04
N PRO A 64 -1.74 7.48 -9.82
CA PRO A 64 -1.39 7.41 -11.24
C PRO A 64 0.05 7.54 -11.58
N SER A 65 0.51 6.63 -12.42
CA SER A 65 1.84 6.66 -12.88
C SER A 65 1.92 7.88 -13.73
N LYS A 66 3.03 8.55 -13.69
CA LYS A 66 3.17 9.71 -14.45
C LYS A 66 3.40 9.31 -15.84
N GLY A 67 4.12 8.23 -16.01
CA GLY A 67 4.55 7.83 -17.30
C GLY A 67 3.82 8.36 -18.40
N PRO A 68 4.44 9.18 -19.19
CA PRO A 68 3.61 9.68 -20.28
C PRO A 68 2.98 8.49 -21.05
N TRP A 69 1.68 8.26 -20.95
CA TRP A 69 1.00 7.10 -21.61
C TRP A 69 0.12 7.39 -22.84
N SER A 70 -0.04 6.45 -23.77
CA SER A 70 -0.78 6.69 -24.98
C SER A 70 -2.14 6.00 -25.01
N THR A 71 -2.51 5.31 -23.93
CA THR A 71 -3.81 4.67 -23.82
C THR A 71 -4.63 5.37 -22.75
N THR A 72 -5.93 5.49 -22.99
CA THR A 72 -6.83 6.13 -22.04
C THR A 72 -7.45 5.14 -21.08
N CYS A 73 -7.15 3.86 -21.20
CA CYS A 73 -7.66 2.86 -20.27
C CYS A 73 -7.13 3.14 -18.86
N SER A 74 -7.92 2.73 -17.87
CA SER A 74 -7.56 2.96 -16.48
C SER A 74 -6.38 2.08 -16.10
N GLU A 75 -5.28 2.73 -15.70
CA GLU A 75 -4.13 1.98 -15.19
C GLU A 75 -4.47 1.20 -13.92
N GLU A 76 -5.50 1.64 -13.19
CA GLU A 76 -5.89 0.94 -11.96
C GLU A 76 -6.40 -0.46 -12.24
N SER A 77 -6.92 -0.70 -13.45
CA SER A 77 -7.41 -2.02 -13.79
C SER A 77 -6.27 -3.03 -13.90
N VAL A 78 -5.07 -2.58 -14.24
CA VAL A 78 -3.93 -3.47 -14.40
C VAL A 78 -2.95 -3.36 -13.23
N PHE A 79 -2.95 -2.26 -12.49
CA PHE A 79 -2.02 -2.10 -11.38
C PHE A 79 -2.31 -3.09 -10.27
N LEU A 80 -1.24 -3.71 -9.74
CA LEU A 80 -1.35 -4.57 -8.58
C LEU A 80 -0.56 -4.06 -7.39
N ARG A 81 0.69 -3.66 -7.60
CA ARG A 81 1.55 -3.27 -6.49
C ARG A 81 2.78 -2.56 -7.04
N SER A 82 3.24 -1.53 -6.33
CA SER A 82 4.39 -0.74 -6.73
C SER A 82 5.60 -1.06 -5.86
N PHE A 83 6.78 -0.66 -6.34
CA PHE A 83 8.03 -0.85 -5.62
C PHE A 83 8.84 0.44 -5.73
N HIS A 84 9.01 1.14 -4.62
CA HIS A 84 9.85 2.34 -4.56
C HIS A 84 11.23 1.92 -4.07
N THR A 85 12.22 1.92 -4.96
CA THR A 85 13.57 1.52 -4.62
C THR A 85 14.54 2.51 -5.27
N VAL A 86 15.80 2.12 -5.39
CA VAL A 86 16.85 2.97 -5.94
C VAL A 86 17.53 2.25 -7.09
N ASP A 87 18.33 3.01 -7.85
CA ASP A 87 19.08 2.46 -8.96
C ASP A 87 20.55 2.28 -8.59
N LEU A 88 21.40 2.06 -9.60
CA LEU A 88 22.81 1.79 -9.35
C LEU A 88 23.53 2.96 -8.68
N GLU A 89 22.98 4.16 -8.78
CA GLU A 89 23.59 5.35 -8.18
C GLU A 89 22.89 5.80 -6.91
N GLY A 90 21.86 5.08 -6.46
CA GLY A 90 21.11 5.46 -5.29
C GLY A 90 19.96 6.41 -5.54
N LYS A 91 19.59 6.63 -6.81
CA LYS A 91 18.54 7.54 -7.25
C LYS A 91 17.21 6.81 -7.32
N PRO A 92 16.10 7.51 -7.07
CA PRO A 92 14.80 6.84 -6.95
C PRO A 92 14.35 6.21 -8.27
N ILE A 93 13.62 5.11 -8.14
CA ILE A 93 13.02 4.43 -9.28
C ILE A 93 11.84 3.62 -8.77
N GLU A 94 10.74 3.65 -9.51
CA GLU A 94 9.52 2.96 -9.13
C GLU A 94 9.17 1.90 -10.16
N LEU A 95 8.89 0.68 -9.70
CA LEU A 95 8.48 -0.42 -10.55
C LEU A 95 7.06 -0.83 -10.17
N ARG A 96 6.19 -0.94 -11.17
CA ARG A 96 4.78 -1.27 -10.96
C ARG A 96 4.50 -2.62 -11.60
N VAL A 97 4.16 -3.60 -10.78
CA VAL A 97 3.89 -4.96 -11.26
C VAL A 97 2.39 -5.11 -11.49
N GLY A 98 2.02 -5.62 -12.65
CA GLY A 98 0.63 -5.78 -13.00
C GLY A 98 -0.06 -6.88 -12.21
N LYS A 99 -1.37 -7.01 -12.45
CA LYS A 99 -2.17 -8.00 -11.74
C LYS A 99 -1.66 -9.42 -12.02
N GLY A 100 -1.24 -9.68 -13.25
CA GLY A 100 -0.71 -10.98 -13.60
C GLY A 100 0.73 -11.23 -13.19
N GLY A 101 1.45 -10.18 -12.79
CA GLY A 101 2.84 -10.29 -12.43
C GLY A 101 3.79 -9.67 -13.43
N HIS A 102 3.29 -9.08 -14.51
CA HIS A 102 4.15 -8.47 -15.51
C HIS A 102 4.60 -7.10 -15.05
N LEU A 103 5.76 -6.69 -15.56
CA LEU A 103 6.29 -5.35 -15.33
C LEU A 103 5.76 -4.45 -16.45
N TYR A 104 4.95 -3.46 -16.08
CA TYR A 104 4.35 -2.57 -17.07
C TYR A 104 4.73 -1.10 -16.87
N SER A 105 5.50 -0.77 -15.84
CA SER A 105 5.84 0.62 -15.59
C SER A 105 7.18 0.72 -14.87
N ILE A 106 8.10 1.51 -15.42
CA ILE A 106 9.36 1.84 -14.76
C ILE A 106 9.45 3.36 -14.74
N GLN A 107 9.36 3.94 -13.55
CA GLN A 107 9.58 5.37 -13.41
C GLN A 107 10.97 5.60 -12.90
N SER A 108 11.85 5.99 -13.78
CA SER A 108 13.25 6.18 -13.46
C SER A 108 13.59 7.67 -13.41
N ALA A 109 14.89 7.97 -13.35
CA ALA A 109 15.33 9.36 -13.25
C ALA A 109 15.01 10.15 -14.52
N ILE A 110 15.06 9.51 -15.68
CA ILE A 110 14.82 10.20 -16.95
C ILE A 110 13.38 10.08 -17.44
N GLY A 111 12.54 9.30 -16.76
CA GLY A 111 11.14 9.17 -17.09
C GLY A 111 10.72 7.72 -17.19
N GLU A 112 9.54 7.47 -17.70
CA GLU A 112 9.08 6.14 -17.95
C GLU A 112 9.90 5.41 -18.99
N LEU A 113 10.13 4.13 -18.80
CA LEU A 113 10.94 3.32 -19.68
C LEU A 113 10.15 2.21 -20.36
N VAL A 114 8.86 2.08 -20.07
CA VAL A 114 7.99 1.11 -20.73
C VAL A 114 7.24 1.86 -21.84
N PRO A 115 7.04 1.25 -23.01
CA PRO A 115 6.41 1.96 -24.12
C PRO A 115 5.05 2.50 -23.71
N PRO A 116 4.60 3.58 -24.35
CA PRO A 116 3.37 4.27 -23.91
C PRO A 116 2.08 3.58 -24.32
N GLN A 117 2.14 2.40 -24.92
CA GLN A 117 0.95 1.66 -25.38
C GLN A 117 0.13 2.49 -26.36
N TRP A 118 0.71 2.66 -27.56
CA TRP A 118 0.13 3.51 -28.59
C TRP A 118 -0.70 2.69 -29.56
N ARG A 119 -1.84 3.26 -29.96
CA ARG A 119 -2.74 2.63 -30.92
C ARG A 119 -2.57 3.28 -32.28
N HIS A 120 -2.32 2.46 -33.30
CA HIS A 120 -2.09 2.96 -34.66
C HIS A 120 -3.41 3.24 -35.33
N ALA A 121 -3.77 4.53 -35.41
CA ALA A 121 -4.97 4.97 -36.13
C ALA A 121 -6.23 4.25 -35.65
N ASN A 122 -6.80 3.43 -36.52
CA ASN A 122 -8.03 2.69 -36.21
C ASN A 122 -7.74 1.19 -36.13
N HIS A 123 -6.79 0.80 -35.28
CA HIS A 123 -6.39 -0.60 -35.18
C HIS A 123 -7.52 -1.52 -34.78
N LYS A 124 -8.64 -0.96 -34.28
CA LYS A 124 -9.88 -1.61 -33.87
C LYS A 124 -9.74 -2.46 -32.61
N THR A 125 -8.52 -2.74 -32.15
CA THR A 125 -8.29 -3.28 -30.81
C THR A 125 -7.20 -2.45 -30.16
N VAL A 126 -7.34 -2.23 -28.86
CA VAL A 126 -6.34 -1.49 -28.10
C VAL A 126 -5.54 -2.46 -27.26
N SER A 127 -4.28 -2.11 -27.02
CA SER A 127 -3.39 -2.97 -26.24
C SER A 127 -3.02 -2.27 -24.94
N PRO A 128 -3.85 -2.39 -23.90
CA PRO A 128 -3.56 -1.66 -22.66
C PRO A 128 -2.63 -2.42 -21.73
N TRP A 129 -1.33 -2.16 -21.85
CA TRP A 129 -0.32 -2.73 -20.95
C TRP A 129 -0.33 -4.26 -20.97
N ASN A 130 -0.76 -4.85 -22.08
CA ASN A 130 -0.86 -6.30 -22.20
C ASN A 130 0.06 -6.87 -23.27
N ASP A 131 0.89 -6.05 -23.90
CA ASP A 131 1.68 -6.48 -25.04
C ASP A 131 3.10 -5.91 -24.94
N GLU A 132 3.22 -4.60 -25.08
CA GLU A 132 4.51 -3.92 -25.01
C GLU A 132 4.90 -3.66 -23.55
N VAL A 133 4.99 -4.77 -22.80
CA VAL A 133 5.35 -4.74 -21.39
C VAL A 133 6.25 -5.94 -21.11
N TRP A 134 7.01 -5.84 -20.02
CA TRP A 134 7.87 -6.94 -19.59
C TRP A 134 6.99 -8.05 -19.01
N GLN A 135 6.88 -9.16 -19.73
CA GLN A 135 5.98 -10.23 -19.32
C GLN A 135 6.50 -11.57 -19.82
N ALA A 136 5.94 -12.64 -19.25
CA ALA A 136 6.21 -13.99 -19.68
C ALA A 136 5.15 -14.41 -20.70
N VAL A 137 5.58 -15.16 -21.71
CA VAL A 137 4.69 -15.61 -22.78
C VAL A 137 4.89 -17.10 -23.01
N ALA A 138 3.80 -17.83 -23.21
CA ALA A 138 3.82 -19.24 -23.57
C ALA A 138 3.01 -19.42 -24.84
N VAL A 139 3.60 -20.03 -25.86
CA VAL A 139 3.02 -20.13 -27.19
C VAL A 139 2.82 -21.60 -27.52
N THR A 140 1.59 -21.97 -27.86
CA THR A 140 1.26 -23.34 -28.24
C THR A 140 0.83 -23.38 -29.70
N SER A 141 0.97 -24.58 -30.29
CA SER A 141 0.49 -24.81 -31.65
C SER A 141 -0.19 -26.17 -31.78
N ASP A 142 -0.48 -26.85 -30.67
CA ASP A 142 -1.07 -28.18 -30.74
C ASP A 142 -2.44 -28.18 -31.42
N PRO A 143 -3.44 -27.40 -30.96
CA PRO A 143 -4.67 -27.30 -31.75
C PRO A 143 -4.53 -26.23 -32.84
N ASN A 144 -4.22 -25.00 -32.42
CA ASN A 144 -3.93 -23.90 -33.33
C ASN A 144 -2.85 -23.03 -32.69
N LYS A 145 -2.40 -22.02 -33.42
CA LYS A 145 -1.45 -21.06 -32.89
C LYS A 145 -2.19 -20.09 -31.97
N VAL A 146 -2.13 -20.35 -30.67
CA VAL A 146 -2.86 -19.58 -29.66
C VAL A 146 -1.86 -19.13 -28.60
N PHE A 147 -1.69 -17.82 -28.47
CA PHE A 147 -0.76 -17.28 -27.49
C PHE A 147 -1.40 -17.25 -26.10
N VAL A 148 -0.54 -17.18 -25.08
CA VAL A 148 -0.97 -17.08 -23.69
C VAL A 148 -0.10 -16.05 -23.00
N HIS A 149 -0.71 -14.97 -22.53
CA HIS A 149 0.02 -13.87 -21.91
C HIS A 149 -0.02 -13.97 -20.39
N GLN A 150 0.97 -13.32 -19.76
CA GLN A 150 0.94 -13.10 -18.33
C GLN A 150 0.14 -11.85 -17.97
N SER A 151 -0.05 -10.95 -18.93
CA SER A 151 -0.67 -9.66 -18.67
C SER A 151 -2.18 -9.69 -18.87
N GLY A 152 -2.65 -9.51 -20.10
CA GLY A 152 -4.07 -9.42 -20.32
C GLY A 152 -4.45 -9.57 -21.78
N CYS A 153 -5.62 -9.04 -22.11
CA CYS A 153 -6.26 -9.25 -23.40
C CYS A 153 -6.21 -8.00 -24.26
N TYR A 154 -6.14 -8.20 -25.58
CA TYR A 154 -6.48 -7.14 -26.51
C TYR A 154 -7.99 -6.94 -26.50
N VAL A 155 -8.43 -5.68 -26.42
CA VAL A 155 -9.86 -5.38 -26.33
C VAL A 155 -10.22 -4.32 -27.36
N LYS A 156 -11.50 -4.26 -27.67
CA LYS A 156 -12.03 -3.22 -28.54
C LYS A 156 -11.88 -1.86 -27.87
N PRO A 157 -11.95 -0.77 -28.64
CA PRO A 157 -11.84 0.57 -28.01
C PRO A 157 -12.87 0.80 -26.92
N GLU A 158 -14.09 0.33 -27.09
CA GLU A 158 -15.13 0.49 -26.08
C GLU A 158 -15.28 -0.72 -25.16
N GLU A 159 -14.42 -1.73 -25.33
CA GLU A 159 -14.47 -2.90 -24.45
C GLU A 159 -13.67 -2.63 -23.18
N PRO A 160 -14.16 -3.06 -22.03
CA PRO A 160 -13.37 -2.95 -20.80
C PRO A 160 -12.23 -3.95 -20.80
N PRO A 161 -10.99 -3.48 -20.66
CA PRO A 161 -9.84 -4.41 -20.69
C PRO A 161 -9.94 -5.47 -19.60
N PHE A 162 -9.30 -6.60 -19.87
CA PHE A 162 -9.25 -7.72 -18.94
C PHE A 162 -7.80 -8.10 -18.68
N TYR A 163 -7.51 -8.52 -17.44
CA TYR A 163 -6.17 -8.89 -17.05
C TYR A 163 -6.22 -10.13 -16.18
N ALA A 164 -5.15 -10.93 -16.26
CA ALA A 164 -5.02 -12.10 -15.42
C ALA A 164 -4.97 -11.69 -13.95
N PRO A 165 -5.91 -12.13 -13.12
CA PRO A 165 -5.91 -11.70 -11.72
C PRO A 165 -4.83 -12.40 -10.91
N CYS A 166 -4.32 -11.68 -9.91
CA CYS A 166 -3.31 -12.21 -9.01
C CYS A 166 -3.96 -13.27 -8.12
N LEU A 167 -3.61 -14.53 -8.33
CA LEU A 167 -4.23 -15.62 -7.57
C LEU A 167 -3.66 -15.71 -6.15
N ALA A 168 -2.40 -15.33 -5.96
CA ALA A 168 -1.78 -15.32 -4.65
C ALA A 168 -0.51 -14.49 -4.74
N GLN A 169 -0.20 -13.79 -3.64
CA GLN A 169 0.98 -12.94 -3.59
C GLN A 169 1.53 -12.92 -2.17
N SER A 170 2.81 -12.56 -2.07
CA SER A 170 3.49 -12.52 -0.78
C SER A 170 4.67 -11.57 -0.87
N TRP A 171 4.86 -10.76 0.17
CA TRP A 171 5.96 -9.82 0.25
C TRP A 171 6.78 -10.08 1.50
N SER A 172 8.11 -10.03 1.34
CA SER A 172 9.04 -10.12 2.45
C SER A 172 9.93 -8.87 2.41
N GLN A 173 9.77 -7.99 3.41
CA GLN A 173 10.55 -6.76 3.42
C GLN A 173 12.01 -7.03 3.76
N GLU A 174 12.26 -8.01 4.64
CA GLU A 174 13.64 -8.30 5.03
C GLU A 174 14.44 -8.85 3.84
N ASP A 175 13.80 -9.65 3.00
CA ASP A 175 14.46 -10.21 1.82
C ASP A 175 14.22 -9.41 0.56
N LYS A 176 13.38 -8.37 0.61
CA LYS A 176 13.04 -7.56 -0.56
C LYS A 176 12.56 -8.44 -1.71
N THR A 177 11.76 -9.45 -1.38
CA THR A 177 11.33 -10.47 -2.34
C THR A 177 9.82 -10.45 -2.44
N PHE A 178 9.31 -10.29 -3.67
CA PHE A 178 7.90 -10.43 -3.96
C PHE A 178 7.69 -11.71 -4.75
N THR A 179 6.80 -12.57 -4.25
CA THR A 179 6.49 -13.84 -4.89
C THR A 179 4.99 -13.91 -5.12
N MET A 180 4.58 -14.20 -6.35
CA MET A 180 3.17 -14.23 -6.69
C MET A 180 2.89 -15.31 -7.72
N LEU A 181 1.60 -15.61 -7.87
CA LEU A 181 1.06 -16.62 -8.78
C LEU A 181 -0.10 -16.04 -9.58
N SER A 182 -0.13 -16.38 -10.87
CA SER A 182 -1.23 -15.96 -11.71
C SER A 182 -1.53 -17.05 -12.74
N TRP A 183 -2.69 -16.90 -13.39
CA TRP A 183 -3.15 -17.81 -14.42
C TRP A 183 -2.96 -17.15 -15.78
N GLY A 184 -2.30 -17.87 -16.69
CA GLY A 184 -2.07 -17.31 -18.02
C GLY A 184 -3.38 -16.99 -18.71
N ILE A 185 -3.33 -15.98 -19.58
CA ILE A 185 -4.50 -15.48 -20.27
C ILE A 185 -4.23 -15.43 -21.77
N VAL A 186 -5.12 -16.03 -22.55
CA VAL A 186 -5.06 -15.87 -24.01
C VAL A 186 -5.43 -14.43 -24.36
N PRO A 187 -4.61 -13.73 -25.16
CA PRO A 187 -4.83 -12.29 -25.36
C PRO A 187 -6.08 -11.95 -26.16
N GLN A 188 -6.71 -12.92 -26.81
CA GLN A 188 -7.98 -12.69 -27.50
C GLN A 188 -9.11 -12.96 -26.52
N VAL A 189 -10.07 -12.02 -26.45
CA VAL A 189 -11.18 -12.17 -25.51
C VAL A 189 -11.90 -13.50 -25.74
N THR A 190 -12.21 -13.80 -27.00
CA THR A 190 -12.77 -15.10 -27.38
C THR A 190 -11.73 -15.85 -28.18
N SER A 191 -11.52 -17.13 -27.84
CA SER A 191 -10.53 -17.95 -28.51
C SER A 191 -10.97 -19.39 -28.50
N THR A 192 -10.24 -20.21 -29.25
CA THR A 192 -10.48 -21.65 -29.30
C THR A 192 -9.88 -22.40 -28.12
N LEU A 193 -9.13 -21.71 -27.26
CA LEU A 193 -8.37 -22.36 -26.21
C LEU A 193 -8.50 -21.61 -24.90
N VAL A 194 -8.70 -22.35 -23.82
CA VAL A 194 -8.59 -21.81 -22.46
C VAL A 194 -7.18 -22.09 -21.97
N SER A 195 -6.48 -21.03 -21.56
CA SER A 195 -5.07 -21.14 -21.21
C SER A 195 -4.85 -22.16 -20.11
N GLU A 196 -3.91 -23.08 -20.35
CA GLU A 196 -3.53 -24.11 -19.40
C GLU A 196 -2.14 -23.87 -18.84
N VAL A 197 -1.80 -22.60 -18.59
CA VAL A 197 -0.49 -22.20 -18.14
C VAL A 197 -0.64 -21.34 -16.89
N LEU A 198 0.05 -21.71 -15.82
CA LEU A 198 0.15 -20.90 -14.62
C LEU A 198 1.51 -20.22 -14.58
N TYR A 199 1.54 -18.98 -14.08
CA TYR A 199 2.75 -18.17 -14.09
C TYR A 199 3.21 -17.93 -12.65
N TYR A 200 4.38 -18.48 -12.32
CA TYR A 200 5.04 -18.26 -11.03
C TYR A 200 6.06 -17.14 -11.22
N THR A 201 5.83 -16.00 -10.58
CA THR A 201 6.70 -14.84 -10.73
C THR A 201 7.30 -14.46 -9.38
N ARG A 202 8.58 -14.08 -9.40
CA ARG A 202 9.26 -13.60 -8.21
C ARG A 202 10.14 -12.40 -8.57
N TYR A 203 10.07 -11.36 -7.75
CA TYR A 203 10.92 -10.17 -7.90
C TYR A 203 11.78 -10.04 -6.65
N ARG A 204 13.09 -10.14 -6.83
CA ARG A 204 14.06 -10.03 -5.74
C ARG A 204 14.96 -8.83 -6.01
N PHE A 205 14.88 -7.81 -5.16
CA PHE A 205 15.73 -6.64 -5.27
C PHE A 205 17.06 -6.96 -4.60
N VAL A 206 18.04 -7.37 -5.42
CA VAL A 206 19.29 -7.92 -4.90
C VAL A 206 20.40 -6.88 -4.76
N ALA A 207 20.26 -5.71 -5.37
CA ALA A 207 21.29 -4.70 -5.35
C ALA A 207 20.69 -3.37 -5.74
N PRO A 208 21.32 -2.25 -5.39
CA PRO A 208 20.88 -0.95 -5.92
C PRO A 208 20.82 -0.96 -7.43
N GLY A 209 19.61 -0.98 -7.99
CA GLY A 209 19.43 -0.96 -9.42
C GLY A 209 19.46 -2.32 -10.10
N VAL A 210 19.58 -3.40 -9.35
CA VAL A 210 19.57 -4.75 -9.91
C VAL A 210 18.37 -5.48 -9.32
N VAL A 211 17.41 -5.81 -10.18
CA VAL A 211 16.24 -6.59 -9.81
C VAL A 211 16.38 -7.99 -10.39
N GLU A 212 16.01 -8.99 -9.60
CA GLU A 212 16.05 -10.38 -10.03
C GLU A 212 14.63 -10.85 -10.31
N VAL A 213 14.41 -11.32 -11.54
CA VAL A 213 13.10 -11.85 -11.95
C VAL A 213 13.27 -13.33 -12.22
N THR A 214 12.48 -14.15 -11.53
CA THR A 214 12.45 -15.58 -11.75
C THR A 214 11.03 -15.94 -12.21
N SER A 215 10.93 -16.37 -13.46
CA SER A 215 9.64 -16.70 -14.07
C SER A 215 9.40 -18.19 -13.99
N GLY A 216 8.22 -18.57 -13.51
CA GLY A 216 7.82 -19.96 -13.47
C GLY A 216 6.63 -20.22 -14.38
N LEU A 217 6.79 -21.17 -15.30
CA LEU A 217 5.76 -21.48 -16.29
C LEU A 217 5.40 -22.95 -16.14
N PHE A 218 4.19 -23.23 -15.68
CA PHE A 218 3.72 -24.60 -15.49
C PHE A 218 2.53 -24.86 -16.40
N ASP A 219 2.57 -26.01 -17.09
CA ASP A 219 1.53 -26.42 -18.02
C ASP A 219 0.73 -27.54 -17.36
N PHE A 220 -0.51 -27.24 -16.96
CA PHE A 220 -1.37 -28.22 -16.32
C PHE A 220 -2.34 -28.89 -17.28
N GLY A 221 -2.30 -28.53 -18.56
CA GLY A 221 -3.15 -29.14 -19.56
C GLY A 221 -2.55 -30.41 -20.12
N LYS A 222 -3.07 -30.81 -21.29
CA LYS A 222 -2.56 -31.99 -21.99
C LYS A 222 -1.71 -31.65 -23.21
N ARG A 223 -1.94 -30.50 -23.83
CA ARG A 223 -1.06 -30.03 -24.90
C ARG A 223 0.16 -29.34 -24.29
N ASN A 224 1.12 -29.01 -25.16
CA ASN A 224 2.35 -28.36 -24.74
C ASN A 224 2.37 -26.91 -25.20
N TYR A 225 3.32 -26.15 -24.65
CA TYR A 225 3.55 -24.74 -25.00
C TYR A 225 5.07 -24.58 -25.14
N LEU A 226 5.59 -24.99 -26.30
CA LEU A 226 7.04 -25.12 -26.45
C LEU A 226 7.73 -23.78 -26.57
N TRP A 227 7.10 -22.81 -27.23
CA TRP A 227 7.70 -21.49 -27.39
C TRP A 227 7.44 -20.64 -26.16
N LEU A 228 8.50 -20.06 -25.61
CA LEU A 228 8.40 -19.23 -24.41
C LEU A 228 9.17 -17.93 -24.62
N ASN A 229 8.75 -16.90 -23.90
CA ASN A 229 9.45 -15.62 -23.82
C ASN A 229 9.81 -15.36 -22.37
N THR A 230 11.11 -15.34 -22.07
CA THR A 230 11.60 -15.18 -20.70
C THR A 230 12.68 -14.11 -20.67
N PRO A 231 12.29 -12.82 -20.78
CA PRO A 231 10.93 -12.32 -20.93
C PRO A 231 10.63 -11.74 -22.31
N TRP A 232 9.36 -11.53 -22.62
CA TRP A 232 9.00 -10.60 -23.67
C TRP A 232 9.01 -9.19 -23.10
N GLY A 233 9.50 -8.24 -23.88
CA GLY A 233 9.54 -6.87 -23.40
C GLY A 233 10.11 -5.86 -24.37
N GLY A 234 10.98 -5.00 -23.85
CA GLY A 234 11.49 -3.86 -24.59
C GLY A 234 11.34 -2.58 -23.78
N VAL A 235 11.84 -1.50 -24.35
CA VAL A 235 11.89 -0.22 -23.66
C VAL A 235 11.28 0.86 -24.55
N ARG A 236 10.89 1.97 -23.90
CA ARG A 236 10.42 3.14 -24.63
C ARG A 236 11.59 3.77 -25.39
N GLN A 237 11.42 3.96 -26.70
CA GLN A 237 12.54 4.36 -27.54
C GLN A 237 13.01 5.78 -27.23
N THR A 238 12.06 6.70 -27.01
CA THR A 238 12.43 8.09 -26.74
C THR A 238 13.18 8.26 -25.43
N ALA A 239 13.15 7.25 -24.54
CA ALA A 239 13.94 7.28 -23.32
C ALA A 239 15.32 6.66 -23.54
N LEU A 240 15.36 5.42 -24.02
CA LEU A 240 16.60 4.70 -24.29
C LEU A 240 16.61 4.33 -25.77
N GLY A 241 17.32 5.12 -26.58
CA GLY A 241 17.36 4.92 -28.01
C GLY A 241 18.56 4.19 -28.55
N GLU A 242 19.49 3.78 -27.69
CA GLU A 242 20.68 3.06 -28.11
C GLU A 242 20.54 1.58 -27.78
N LEU A 243 20.81 0.73 -28.76
CA LEU A 243 20.68 -0.72 -28.62
C LEU A 243 22.08 -1.33 -28.55
N TRP A 244 22.42 -1.91 -27.40
CA TRP A 244 23.75 -2.45 -27.15
C TRP A 244 23.66 -3.94 -26.85
N ILE A 245 24.59 -4.70 -27.43
CA ILE A 245 24.70 -6.13 -27.20
C ILE A 245 26.08 -6.42 -26.65
N ALA A 246 26.15 -7.16 -25.55
CA ALA A 246 27.41 -7.42 -24.89
C ALA A 246 28.37 -8.16 -25.81
N ASP A 247 29.65 -7.78 -25.75
CA ASP A 247 30.66 -8.43 -26.57
C ASP A 247 30.97 -9.83 -26.04
N LYS A 248 31.23 -10.75 -26.96
CA LYS A 248 31.38 -12.15 -26.58
C LYS A 248 32.68 -12.42 -25.85
N SER A 249 33.76 -11.70 -26.18
CA SER A 249 35.09 -12.04 -25.72
C SER A 249 35.74 -10.97 -24.85
N GLU A 250 35.05 -9.88 -24.56
CA GLU A 250 35.55 -8.84 -23.68
C GLU A 250 34.50 -8.58 -22.61
N ARG A 251 34.78 -9.03 -21.39
CA ARG A 251 33.82 -8.90 -20.30
C ARG A 251 33.58 -7.43 -19.96
N GLY A 252 32.31 -7.07 -19.78
CA GLY A 252 31.94 -5.73 -19.38
C GLY A 252 31.77 -4.74 -20.51
N THR A 253 31.89 -5.17 -21.77
CA THR A 253 31.75 -4.29 -22.92
C THR A 253 30.62 -4.78 -23.81
N ALA A 254 30.10 -3.87 -24.63
CA ALA A 254 29.01 -4.17 -25.54
C ALA A 254 29.26 -3.49 -26.87
N LYS A 255 28.61 -4.01 -27.91
CA LYS A 255 28.69 -3.42 -29.24
C LYS A 255 27.40 -2.65 -29.53
N TRP A 256 27.56 -1.40 -29.93
CA TRP A 256 26.41 -0.57 -30.26
C TRP A 256 25.82 -1.03 -31.59
N LEU A 257 24.58 -1.51 -31.55
CA LEU A 257 23.87 -1.93 -32.76
C LEU A 257 23.47 -0.67 -33.54
N ASN A 258 24.46 -0.06 -34.18
CA ASN A 258 24.25 1.12 -35.01
C ASN A 258 23.41 0.84 -36.26
N PRO A 259 23.49 -0.34 -36.90
CA PRO A 259 22.49 -0.63 -37.95
C PRO A 259 21.14 -0.93 -37.30
N MET A 260 20.57 0.09 -36.65
CA MET A 260 19.41 -0.01 -35.76
C MET A 260 18.39 -0.99 -36.32
N PRO A 261 18.36 -2.20 -35.79
CA PRO A 261 17.52 -3.25 -36.39
C PRO A 261 16.05 -2.95 -36.20
N ARG A 262 15.25 -3.70 -36.96
CA ARG A 262 13.79 -3.63 -36.89
C ARG A 262 13.27 -5.00 -36.52
N PHE A 263 12.45 -5.06 -35.48
CA PHE A 263 11.78 -6.31 -35.15
C PHE A 263 10.85 -6.70 -36.29
N GLY A 264 11.04 -7.92 -36.80
CA GLY A 264 10.36 -8.33 -38.00
C GLY A 264 11.36 -8.74 -39.06
N ALA A 265 12.47 -8.00 -39.13
CA ALA A 265 13.59 -8.45 -39.97
C ALA A 265 14.18 -9.75 -39.45
N ALA A 266 14.06 -10.01 -38.15
CA ALA A 266 14.38 -11.30 -37.53
C ALA A 266 15.84 -11.61 -37.75
N HIS A 267 16.20 -12.70 -38.42
CA HIS A 267 17.60 -13.06 -38.64
C HIS A 267 18.36 -12.02 -39.44
N ASP A 268 17.66 -11.09 -40.09
CA ASP A 268 18.30 -10.03 -40.88
C ASP A 268 18.84 -8.93 -39.96
N GLY A 269 19.80 -9.31 -39.13
CA GLY A 269 20.47 -8.37 -38.25
C GLY A 269 19.72 -8.02 -36.98
N ALA A 270 18.56 -8.62 -36.74
CA ALA A 270 17.77 -8.33 -35.54
C ALA A 270 17.65 -9.57 -34.65
N LEU A 271 18.67 -10.41 -34.63
CA LEU A 271 18.63 -11.64 -33.87
C LEU A 271 20.06 -12.07 -33.54
N ASP A 272 20.24 -12.61 -32.33
CA ASP A 272 21.53 -13.14 -31.93
C ASP A 272 21.31 -14.30 -30.98
N SER A 273 22.20 -15.29 -31.07
CA SER A 273 22.18 -16.40 -30.13
C SER A 273 22.86 -15.99 -28.83
N ALA A 274 22.46 -16.63 -27.74
CA ALA A 274 23.01 -16.29 -26.43
C ALA A 274 24.51 -16.55 -26.37
N GLY A 275 24.96 -17.65 -27.00
CA GLY A 275 26.37 -18.00 -26.96
C GLY A 275 27.27 -17.04 -27.71
N ASN A 276 26.72 -16.27 -28.65
CA ASN A 276 27.51 -15.32 -29.43
C ASN A 276 27.67 -13.98 -28.71
N THR A 277 27.13 -13.83 -27.51
CA THR A 277 27.16 -12.57 -26.78
C THR A 277 27.89 -12.78 -25.45
N GLY A 278 27.93 -11.71 -24.65
CA GLY A 278 28.44 -11.74 -23.31
C GLY A 278 27.40 -12.04 -22.26
N GLY A 279 26.19 -12.42 -22.68
CA GLY A 279 25.15 -12.84 -21.77
C GLY A 279 24.17 -11.76 -21.35
N TRP A 280 24.26 -10.56 -21.92
CA TRP A 280 23.34 -9.50 -21.53
C TRP A 280 23.25 -8.47 -22.65
N MET A 281 22.28 -7.56 -22.51
CA MET A 281 22.05 -6.48 -23.44
C MET A 281 21.78 -5.20 -22.65
N ALA A 282 21.86 -4.07 -23.33
CA ALA A 282 21.67 -2.78 -22.68
C ALA A 282 20.88 -1.85 -23.58
N PHE A 283 20.05 -1.01 -22.96
CA PHE A 283 19.28 0.03 -23.63
C PHE A 283 19.70 1.36 -23.04
N ALA A 284 20.50 2.13 -23.77
CA ALA A 284 21.10 3.35 -23.25
C ALA A 284 20.50 4.58 -23.92
N GLU A 285 20.66 5.72 -23.25
CA GLU A 285 20.21 6.99 -23.81
C GLU A 285 21.01 7.32 -25.06
N GLU A 286 20.37 8.05 -25.97
CA GLU A 286 21.05 8.51 -27.18
C GLU A 286 21.96 9.67 -26.82
N GLY A 287 23.26 9.42 -26.80
CA GLY A 287 24.22 10.44 -26.43
C GLY A 287 25.57 9.82 -26.17
N GLN A 288 26.53 10.70 -25.87
CA GLN A 288 27.91 10.29 -25.61
C GLN A 288 28.34 10.47 -24.17
N ASP A 289 27.43 10.90 -23.29
CA ASP A 289 27.73 10.96 -21.87
C ASP A 289 27.91 9.54 -21.34
N PRO A 290 29.08 9.18 -20.83
CA PRO A 290 29.28 7.79 -20.38
C PRO A 290 28.37 7.38 -19.23
N ASN A 291 27.83 8.34 -18.48
CA ASN A 291 26.98 8.04 -17.33
C ASN A 291 25.52 8.40 -17.62
N ARG A 292 25.11 8.33 -18.88
CA ARG A 292 23.70 8.47 -19.23
C ARG A 292 22.94 7.24 -18.75
N TYR A 293 21.61 7.37 -18.70
CA TYR A 293 20.80 6.30 -18.16
C TYR A 293 20.74 5.12 -19.12
N ALA A 294 20.70 3.92 -18.55
CA ALA A 294 20.66 2.69 -19.32
C ALA A 294 19.88 1.64 -18.54
N MET A 295 19.40 0.63 -19.27
CA MET A 295 18.71 -0.51 -18.67
C MET A 295 19.38 -1.79 -19.16
N GLY A 296 19.73 -2.66 -18.22
CA GLY A 296 20.37 -3.93 -18.54
C GLY A 296 19.39 -5.09 -18.42
N LEU A 297 19.54 -6.06 -19.31
CA LEU A 297 18.74 -7.29 -19.27
C LEU A 297 19.66 -8.46 -19.56
N THR A 298 19.76 -9.39 -18.62
CA THR A 298 20.63 -10.54 -18.77
C THR A 298 19.85 -11.74 -19.32
N PHE A 299 20.57 -12.60 -20.03
CA PHE A 299 19.98 -13.83 -20.55
C PHE A 299 20.95 -15.00 -20.52
N GLY A 300 22.18 -14.81 -20.04
CA GLY A 300 23.14 -15.89 -19.95
C GLY A 300 23.86 -16.14 -21.26
N ARG A 301 24.92 -16.95 -21.16
CA ARG A 301 25.71 -17.35 -22.31
C ARG A 301 25.41 -18.78 -22.76
N ASP A 302 24.25 -19.31 -22.39
CA ASP A 302 23.82 -20.66 -22.75
C ASP A 302 24.83 -21.71 -22.26
N VAL A 303 25.36 -21.49 -21.06
CA VAL A 303 26.22 -22.46 -20.40
C VAL A 303 25.52 -23.13 -19.23
N PHE A 304 24.23 -22.88 -19.06
CA PHE A 304 23.49 -23.50 -17.96
C PHE A 304 23.39 -25.00 -18.20
N PRO A 305 23.45 -25.82 -17.14
CA PRO A 305 23.61 -27.27 -17.32
C PRO A 305 22.35 -27.89 -17.88
N THR A 306 22.48 -28.56 -19.02
CA THR A 306 21.34 -29.17 -19.71
C THR A 306 21.27 -30.69 -19.51
N THR A 307 22.41 -31.37 -19.45
CA THR A 307 22.39 -32.78 -19.05
C THR A 307 21.97 -32.87 -17.60
N GLY A 308 21.21 -33.91 -17.27
CA GLY A 308 20.53 -33.94 -15.99
C GLY A 308 19.25 -33.13 -16.02
N MET A 309 18.49 -33.23 -17.11
CA MET A 309 17.29 -32.43 -17.28
C MET A 309 16.40 -33.13 -18.30
N ASN A 310 15.08 -33.11 -18.05
CA ASN A 310 14.13 -33.73 -18.97
C ASN A 310 14.27 -33.12 -20.36
N SER A 311 14.34 -33.98 -21.38
CA SER A 311 14.70 -33.50 -22.72
C SER A 311 13.56 -32.74 -23.38
N ALA A 312 12.32 -33.19 -23.22
CA ALA A 312 11.20 -32.51 -23.84
C ALA A 312 10.99 -31.10 -23.33
N LEU A 313 11.60 -30.73 -22.20
CA LEU A 313 11.58 -29.35 -21.75
C LEU A 313 12.73 -28.53 -22.31
N LEU A 314 13.49 -29.08 -23.26
CA LEU A 314 14.48 -28.34 -24.04
C LEU A 314 14.17 -28.52 -25.54
N PRO A 315 13.08 -27.94 -26.02
CA PRO A 315 12.63 -28.22 -27.39
C PRO A 315 13.42 -27.51 -28.48
N ARG A 316 14.22 -26.51 -28.14
CA ARG A 316 14.85 -25.67 -29.15
C ARG A 316 16.37 -25.73 -29.04
N ASP A 317 17.02 -25.19 -30.08
CA ASP A 317 18.47 -25.23 -30.20
C ASP A 317 19.14 -24.59 -29.00
N LYS A 318 18.89 -23.30 -28.80
CA LYS A 318 19.55 -22.54 -27.74
C LYS A 318 18.73 -21.27 -27.50
N THR A 319 19.23 -20.40 -26.65
CA THR A 319 18.52 -19.18 -26.30
C THR A 319 18.65 -18.15 -27.43
N LEU A 320 17.52 -17.62 -27.87
CA LEU A 320 17.48 -16.59 -28.90
C LEU A 320 17.16 -15.24 -28.28
N ILE A 321 17.67 -14.18 -28.89
CA ILE A 321 17.44 -12.81 -28.44
C ILE A 321 17.09 -11.99 -29.67
N ARG A 322 15.81 -11.59 -29.76
CA ARG A 322 15.33 -10.75 -30.86
C ARG A 322 15.13 -9.33 -30.35
N PHE A 323 15.51 -8.36 -31.18
CA PHE A 323 15.49 -6.96 -30.80
C PHE A 323 15.16 -6.13 -32.03
N GLY A 324 15.09 -4.82 -31.83
CA GLY A 324 14.95 -3.89 -32.94
C GLY A 324 13.80 -2.93 -32.75
N GLN A 325 13.80 -1.90 -33.59
CA GLN A 325 12.79 -0.86 -33.57
C GLN A 325 11.50 -1.37 -34.19
N ALA A 326 10.38 -1.15 -33.51
CA ALA A 326 9.06 -1.42 -34.04
C ALA A 326 8.31 -0.12 -34.17
N GLY A 327 7.58 0.04 -35.28
CA GLY A 327 6.80 1.24 -35.52
C GLY A 327 7.63 2.53 -35.51
N GLY A 328 6.90 3.65 -35.55
CA GLY A 328 7.54 4.94 -35.48
C GLY A 328 8.16 5.19 -34.13
N LYS A 329 9.17 6.06 -34.11
CA LYS A 329 9.91 6.33 -32.87
C LYS A 329 9.05 7.09 -31.88
N GLU A 330 8.48 8.22 -32.29
CA GLU A 330 7.70 9.05 -31.38
C GLU A 330 6.25 8.59 -31.27
N THR A 331 5.85 7.55 -31.99
CA THR A 331 4.50 7.02 -31.91
C THR A 331 4.49 5.66 -31.22
N ARG A 332 4.97 4.61 -31.88
CA ARG A 332 5.00 3.29 -31.24
C ARG A 332 5.97 3.29 -30.05
N ASN A 333 7.12 3.94 -30.20
CA ASN A 333 8.07 4.16 -29.11
C ASN A 333 8.44 2.83 -28.43
N TYR A 334 9.03 1.95 -29.22
CA TYR A 334 9.21 0.57 -28.79
C TYR A 334 10.45 -0.02 -29.47
N ILE A 335 11.54 -0.11 -28.72
CA ILE A 335 12.67 -0.97 -29.09
C ILE A 335 12.39 -2.33 -28.47
N VAL A 336 12.17 -3.33 -29.31
CA VAL A 336 11.73 -4.64 -28.83
C VAL A 336 12.88 -5.37 -28.19
N ALA A 337 12.55 -6.21 -27.21
CA ALA A 337 13.51 -7.10 -26.56
C ALA A 337 12.79 -8.35 -26.12
N VAL A 338 13.34 -9.51 -26.45
CA VAL A 338 12.73 -10.78 -26.07
C VAL A 338 13.82 -11.84 -25.99
N VAL A 339 13.76 -12.63 -24.92
CA VAL A 339 14.67 -13.77 -24.73
C VAL A 339 13.83 -15.02 -24.93
N ILE A 340 14.00 -15.68 -26.06
CA ILE A 340 13.38 -16.98 -26.31
C ILE A 340 14.36 -18.05 -25.84
N PRO A 341 14.15 -18.65 -24.67
CA PRO A 341 15.12 -19.60 -24.13
C PRO A 341 15.04 -20.92 -24.87
N ARG A 342 15.95 -21.82 -24.52
CA ARG A 342 15.90 -23.18 -25.04
C ARG A 342 14.80 -24.01 -24.39
N LEU A 343 14.05 -23.45 -23.45
CA LEU A 343 13.10 -24.21 -22.65
C LEU A 343 11.70 -24.18 -23.27
N GLY A 344 10.90 -25.17 -22.86
CA GLY A 344 9.49 -25.24 -23.21
C GLY A 344 8.79 -26.09 -22.18
N VAL A 345 7.47 -25.91 -22.10
CA VAL A 345 6.67 -26.63 -21.11
C VAL A 345 5.83 -27.68 -21.80
N ILE A 346 5.63 -28.80 -21.10
CA ILE A 346 4.82 -29.91 -21.57
C ILE A 346 3.78 -30.23 -20.50
N SER A 347 2.92 -31.20 -20.80
CA SER A 347 1.81 -31.53 -19.91
C SER A 347 2.32 -32.03 -18.56
N GLY A 348 1.77 -31.48 -17.49
CA GLY A 348 2.13 -31.86 -16.14
C GLY A 348 3.50 -31.43 -15.68
N HIS A 349 4.21 -30.64 -16.46
CA HIS A 349 5.56 -30.20 -16.12
C HIS A 349 5.63 -28.68 -16.11
N GLY A 350 6.74 -28.17 -15.58
CA GLY A 350 6.96 -26.73 -15.53
C GLY A 350 8.43 -26.36 -15.51
N VAL A 351 8.79 -25.32 -16.26
CA VAL A 351 10.17 -24.85 -16.31
C VAL A 351 10.26 -23.50 -15.62
N TRP A 352 11.49 -23.05 -15.39
CA TRP A 352 11.74 -21.77 -14.76
C TRP A 352 12.92 -21.10 -15.45
N TRP A 353 12.98 -19.78 -15.35
CA TRP A 353 14.06 -18.99 -15.93
C TRP A 353 14.30 -17.78 -15.05
N ARG A 354 15.52 -17.65 -14.52
CA ARG A 354 15.89 -16.55 -13.64
C ARG A 354 16.85 -15.63 -14.38
N TYR A 355 16.43 -14.39 -14.59
CA TYR A 355 17.24 -13.37 -15.25
C TYR A 355 17.30 -12.14 -14.34
N TYR A 356 18.00 -11.11 -14.81
CA TYR A 356 18.25 -9.92 -14.01
C TYR A 356 18.05 -8.67 -14.85
N MET A 357 17.66 -7.59 -14.18
CA MET A 357 17.44 -6.30 -14.81
C MET A 357 18.25 -5.24 -14.08
N ALA A 358 18.95 -4.40 -14.83
CA ALA A 358 19.76 -3.33 -14.25
C ALA A 358 19.23 -1.98 -14.70
N PHE A 359 19.33 -0.99 -13.82
CA PHE A 359 18.90 0.38 -14.11
C PHE A 359 19.89 1.34 -13.49
N GLY A 360 20.42 2.25 -14.31
CA GLY A 360 21.33 3.26 -13.79
C GLY A 360 22.24 3.78 -14.89
N ALA A 361 23.35 4.37 -14.45
CA ALA A 361 24.32 4.94 -15.39
C ALA A 361 24.88 3.85 -16.29
N PHE A 362 25.12 4.21 -17.56
CA PHE A 362 25.56 3.24 -18.55
C PHE A 362 26.89 2.61 -18.17
N GLU A 363 27.85 3.43 -17.69
CA GLU A 363 29.16 2.91 -17.35
C GLU A 363 29.08 1.89 -16.21
N ALA A 364 28.41 2.25 -15.12
CA ALA A 364 28.26 1.33 -14.01
C ALA A 364 27.40 0.12 -14.37
N LEU A 365 26.41 0.32 -15.26
CA LEU A 365 25.59 -0.80 -15.70
C LEU A 365 26.40 -1.80 -16.51
N LYS A 366 27.43 -1.34 -17.23
CA LYS A 366 28.21 -2.23 -18.06
C LYS A 366 29.16 -3.09 -17.23
N LYS A 367 29.63 -2.58 -16.10
CA LYS A 367 30.61 -3.31 -15.30
C LYS A 367 29.97 -4.35 -14.39
N GLN A 368 28.69 -4.20 -14.04
CA GLN A 368 28.04 -5.12 -13.11
C GLN A 368 27.11 -6.10 -13.80
N CYS A 369 26.67 -5.81 -15.03
CA CYS A 369 25.88 -6.77 -15.78
C CYS A 369 26.57 -8.11 -16.00
N PRO A 370 27.89 -8.19 -16.22
CA PRO A 370 28.50 -9.53 -16.42
C PRO A 370 28.24 -10.50 -15.29
N ASP A 371 28.43 -10.07 -14.04
CA ASP A 371 28.22 -10.98 -12.90
C ASP A 371 26.78 -11.49 -12.87
N TRP A 372 25.81 -10.63 -13.18
CA TRP A 372 24.42 -11.06 -13.19
C TRP A 372 24.10 -11.90 -14.41
N ALA A 373 24.85 -11.72 -15.51
CA ALA A 373 24.69 -12.57 -16.67
C ALA A 373 25.18 -13.98 -16.38
N ASP A 374 26.28 -14.11 -15.64
CA ASP A 374 26.77 -15.43 -15.25
C ASP A 374 25.87 -16.11 -14.23
N LYS A 375 24.96 -15.36 -13.59
CA LYS A 375 23.99 -15.95 -12.68
C LYS A 375 22.68 -16.31 -13.35
N THR A 376 22.48 -15.90 -14.60
CA THR A 376 21.24 -16.19 -15.32
C THR A 376 21.29 -17.63 -15.85
N SER A 377 20.36 -18.45 -15.40
CA SER A 377 20.28 -19.84 -15.83
C SER A 377 18.82 -20.27 -15.79
N GLY A 378 18.59 -21.58 -15.78
CA GLY A 378 17.23 -22.08 -15.75
C GLY A 378 17.21 -23.59 -15.71
N GLY A 379 16.00 -24.13 -15.60
CA GLY A 379 15.80 -25.57 -15.56
C GLY A 379 14.34 -25.94 -15.39
N GLU A 380 14.08 -27.11 -14.84
CA GLU A 380 12.71 -27.56 -14.60
C GLU A 380 12.28 -27.20 -13.19
N MET A 381 11.02 -26.78 -13.05
CA MET A 381 10.40 -26.59 -11.74
C MET A 381 10.01 -27.96 -11.23
N VAL A 382 10.91 -28.58 -10.47
CA VAL A 382 10.67 -29.92 -9.95
C VAL A 382 9.63 -29.85 -8.83
N VAL A 383 8.72 -30.82 -8.83
CA VAL A 383 7.72 -30.90 -7.76
C VAL A 383 8.39 -31.42 -6.49
N PRO A 384 8.24 -30.73 -5.35
CA PRO A 384 8.83 -31.23 -4.11
C PRO A 384 8.07 -32.46 -3.61
N SER A 385 8.81 -33.53 -3.33
CA SER A 385 8.22 -34.78 -2.85
C SER A 385 7.83 -34.73 -1.38
N ILE A 386 8.26 -33.69 -0.65
CA ILE A 386 7.94 -33.62 0.78
C ILE A 386 6.45 -33.40 0.98
N SER A 387 6.01 -33.62 2.22
CA SER A 387 4.59 -33.50 2.53
C SER A 387 4.16 -32.02 2.52
N SER A 388 2.84 -31.81 2.52
CA SER A 388 2.29 -30.48 2.40
C SER A 388 1.04 -30.36 3.27
N GLU A 389 0.57 -29.13 3.39
CA GLU A 389 -0.73 -28.88 4.00
C GLU A 389 -1.84 -29.16 2.99
N THR A 390 -3.00 -29.54 3.50
CA THR A 390 -4.11 -29.96 2.66
C THR A 390 -5.36 -29.19 3.03
N ARG A 391 -6.20 -28.94 2.02
CA ARG A 391 -7.45 -28.23 2.20
C ARG A 391 -8.58 -29.00 1.53
N ASN A 392 -9.78 -28.87 2.08
CA ASN A 392 -10.98 -29.46 1.53
C ASN A 392 -11.87 -28.38 0.94
N PHE A 393 -12.90 -28.79 0.20
CA PHE A 393 -13.91 -27.84 -0.23
C PHE A 393 -14.62 -27.23 0.98
N GLU A 394 -15.09 -28.08 1.91
CA GLU A 394 -15.63 -27.59 3.18
C GLU A 394 -14.62 -26.78 3.97
N LYS A 395 -13.34 -27.16 3.94
CA LYS A 395 -12.33 -26.42 4.67
C LYS A 395 -12.04 -25.07 4.03
N CYS A 396 -12.30 -24.91 2.73
CA CYS A 396 -12.16 -23.61 2.12
C CYS A 396 -13.31 -22.68 2.49
N ILE A 397 -14.49 -23.25 2.76
CA ILE A 397 -15.63 -22.43 3.18
C ILE A 397 -15.47 -21.97 4.62
N GLU A 398 -15.07 -22.88 5.50
CA GLU A 398 -14.90 -22.52 6.91
C GLU A 398 -13.79 -21.49 7.09
N SER A 399 -12.85 -21.41 6.14
CA SER A 399 -11.79 -20.43 6.18
C SER A 399 -12.18 -19.10 5.52
N GLY A 400 -13.36 -19.03 4.92
CA GLY A 400 -13.81 -17.82 4.27
C GLY A 400 -13.18 -17.52 2.93
N VAL A 401 -12.32 -18.42 2.42
CA VAL A 401 -11.71 -18.20 1.12
C VAL A 401 -12.76 -18.19 0.02
N ILE A 402 -13.75 -19.07 0.13
CA ILE A 402 -14.88 -19.11 -0.81
C ILE A 402 -16.16 -18.93 -0.01
N PRO A 403 -17.22 -18.38 -0.60
CA PRO A 403 -18.46 -18.17 0.15
C PRO A 403 -19.24 -19.46 0.35
N ARG A 404 -20.19 -19.41 1.28
CA ARG A 404 -20.93 -20.60 1.66
C ARG A 404 -21.89 -21.07 0.58
N ASP A 405 -22.35 -20.15 -0.27
CA ASP A 405 -23.27 -20.51 -1.34
C ASP A 405 -22.59 -21.19 -2.52
N ALA A 406 -21.26 -21.32 -2.49
CA ALA A 406 -20.54 -21.90 -3.60
C ALA A 406 -20.90 -23.37 -3.78
N THR A 407 -20.85 -23.84 -5.02
CA THR A 407 -21.13 -25.22 -5.36
C THR A 407 -19.88 -25.87 -5.94
N LEU A 408 -19.98 -27.17 -6.19
CA LEU A 408 -18.89 -27.93 -6.80
C LEU A 408 -19.20 -28.17 -8.28
N GLY A 409 -18.13 -28.34 -9.06
CA GLY A 409 -18.27 -28.37 -10.50
C GLY A 409 -18.58 -29.72 -11.11
N SER A 410 -19.17 -30.62 -10.32
CA SER A 410 -19.60 -31.95 -10.78
C SER A 410 -18.42 -32.83 -11.18
N ASP A 411 -17.22 -32.25 -11.27
CA ASP A 411 -15.99 -33.01 -11.38
C ASP A 411 -15.30 -33.18 -10.03
N LEU A 412 -15.84 -32.56 -8.99
CA LEU A 412 -15.28 -32.59 -7.65
C LEU A 412 -16.31 -33.17 -6.67
N SER A 413 -15.88 -33.31 -5.43
CA SER A 413 -16.71 -33.79 -4.32
C SER A 413 -15.96 -33.45 -3.04
N ARG A 414 -16.57 -33.78 -1.90
CA ARG A 414 -15.98 -33.41 -0.63
C ARG A 414 -14.71 -34.19 -0.33
N SER A 415 -14.62 -35.44 -0.81
CA SER A 415 -13.46 -36.27 -0.52
C SER A 415 -12.21 -35.83 -1.26
N HIS A 416 -12.33 -34.93 -2.23
CA HIS A 416 -11.15 -34.44 -2.95
C HIS A 416 -10.31 -33.55 -2.04
N VAL A 417 -8.99 -33.68 -2.16
CA VAL A 417 -8.04 -33.01 -1.28
C VAL A 417 -7.23 -32.03 -2.11
N PHE A 418 -7.21 -30.77 -1.68
CA PHE A 418 -6.53 -29.71 -2.41
C PHE A 418 -5.10 -29.57 -1.90
N SER A 419 -4.15 -29.42 -2.83
CA SER A 419 -2.74 -29.36 -2.52
C SER A 419 -2.14 -28.05 -3.01
N PRO A 420 -1.09 -27.54 -2.33
CA PRO A 420 -0.53 -26.23 -2.71
C PRO A 420 0.28 -26.22 -3.99
N TRP A 421 0.88 -27.35 -4.37
CA TRP A 421 1.62 -27.40 -5.61
C TRP A 421 1.15 -28.57 -6.46
N PRO A 422 1.29 -28.47 -7.78
CA PRO A 422 0.82 -29.55 -8.66
C PRO A 422 1.70 -30.79 -8.61
N LYS A 423 1.30 -31.77 -7.79
CA LYS A 423 1.91 -33.09 -7.86
C LYS A 423 1.69 -33.67 -9.24
N PRO A 424 2.46 -34.70 -9.62
CA PRO A 424 2.31 -35.27 -10.97
C PRO A 424 0.86 -35.59 -11.31
N GLU A 425 0.42 -35.11 -12.47
CA GLU A 425 -0.95 -35.29 -12.98
C GLU A 425 -1.99 -34.57 -12.14
N TYR A 426 -1.62 -33.47 -11.48
CA TYR A 426 -2.56 -32.66 -10.72
C TYR A 426 -2.99 -31.45 -11.55
N VAL A 427 -4.22 -31.01 -11.32
CA VAL A 427 -4.78 -29.86 -12.03
C VAL A 427 -5.21 -28.80 -11.03
N PRO A 428 -5.17 -27.52 -11.39
CA PRO A 428 -5.55 -26.46 -10.46
C PRO A 428 -7.04 -26.51 -10.14
N VAL A 429 -7.36 -26.39 -8.86
CA VAL A 429 -8.74 -26.26 -8.40
C VAL A 429 -9.10 -24.79 -8.39
N PHE A 430 -10.07 -24.41 -9.20
CA PHE A 430 -10.46 -23.02 -9.35
C PHE A 430 -11.74 -22.72 -8.60
N ALA A 431 -11.92 -21.43 -8.27
CA ALA A 431 -13.16 -20.93 -7.68
C ALA A 431 -13.63 -19.77 -8.54
N PHE A 432 -14.68 -19.99 -9.32
CA PHE A 432 -15.16 -19.02 -10.30
C PHE A 432 -16.45 -18.38 -9.84
N GLN A 433 -16.56 -17.07 -10.05
CA GLN A 433 -17.84 -16.35 -9.96
C GLN A 433 -18.25 -16.04 -11.40
N LEU A 434 -19.27 -16.73 -11.89
CA LEU A 434 -19.68 -16.58 -13.28
C LEU A 434 -20.46 -15.28 -13.47
N LYS A 435 -20.16 -14.58 -14.58
CA LYS A 435 -20.89 -13.37 -14.91
C LYS A 435 -22.35 -13.65 -15.24
N LYS A 436 -22.71 -14.90 -15.48
CA LYS A 436 -24.06 -15.21 -15.95
C LYS A 436 -25.10 -15.11 -14.85
N ASP A 437 -24.70 -15.30 -13.58
CA ASP A 437 -25.67 -15.30 -12.50
C ASP A 437 -25.03 -15.02 -11.15
N SER A 438 -23.79 -14.55 -11.15
CA SER A 438 -23.03 -14.22 -9.94
C SER A 438 -22.88 -15.41 -9.01
N THR A 439 -23.18 -16.61 -9.45
CA THR A 439 -23.03 -17.79 -8.62
C THR A 439 -21.57 -18.20 -8.53
N TRP A 440 -21.25 -18.97 -7.48
CA TRP A 440 -19.89 -19.43 -7.23
C TRP A 440 -19.82 -20.93 -7.48
N VAL A 441 -18.76 -21.36 -8.16
CA VAL A 441 -18.55 -22.77 -8.48
C VAL A 441 -17.07 -23.08 -8.29
N VAL A 442 -16.80 -24.24 -7.70
CA VAL A 442 -15.44 -24.72 -7.49
C VAL A 442 -15.23 -25.92 -8.41
N THR A 443 -14.23 -25.82 -9.29
CA THR A 443 -14.02 -26.84 -10.30
C THR A 443 -12.58 -26.75 -10.80
N THR A 444 -12.16 -27.82 -11.48
CA THR A 444 -10.88 -27.85 -12.19
C THR A 444 -11.07 -27.85 -13.70
N ASP A 445 -12.28 -27.54 -14.17
CA ASP A 445 -12.61 -27.52 -15.59
C ASP A 445 -13.12 -26.12 -15.94
N PRO A 446 -12.20 -25.15 -16.10
CA PRO A 446 -12.63 -23.84 -16.59
C PRO A 446 -13.12 -23.86 -18.02
N SER A 447 -12.82 -24.93 -18.77
CA SER A 447 -13.27 -25.03 -20.15
C SER A 447 -14.77 -25.23 -20.26
N LYS A 448 -15.43 -25.66 -19.18
CA LYS A 448 -16.88 -25.86 -19.24
C LYS A 448 -17.64 -24.56 -19.01
N TYR A 449 -17.15 -23.70 -18.12
CA TYR A 449 -17.93 -22.56 -17.65
C TYR A 449 -17.72 -21.30 -18.47
N ALA A 450 -16.63 -21.22 -19.25
CA ALA A 450 -16.41 -20.07 -20.13
C ALA A 450 -16.70 -20.40 -21.59
N ALA A 451 -17.29 -21.57 -21.87
CA ALA A 451 -17.70 -21.90 -23.23
C ALA A 451 -18.84 -21.00 -23.65
N LEU A 452 -18.67 -20.33 -24.78
CA LEU A 452 -19.64 -19.34 -25.25
C LEU A 452 -20.86 -19.97 -25.94
N GLY A 453 -20.80 -21.24 -26.29
CA GLY A 453 -21.83 -21.85 -27.09
C GLY A 453 -21.79 -21.49 -28.56
N GLU A 454 -20.89 -20.59 -28.96
CA GLU A 454 -20.71 -20.22 -30.35
C GLU A 454 -19.71 -21.17 -31.01
N LYS A 455 -19.50 -20.99 -32.31
CA LYS A 455 -18.66 -21.88 -33.08
C LYS A 455 -17.66 -21.07 -33.90
N ASP A 456 -16.43 -21.57 -33.97
CA ASP A 456 -15.44 -21.01 -34.88
C ASP A 456 -15.95 -21.10 -36.31
N SER A 457 -15.50 -20.15 -37.15
CA SER A 457 -15.88 -20.18 -38.55
C SER A 457 -15.47 -21.49 -39.21
N LYS A 458 -14.40 -22.12 -38.71
CA LYS A 458 -14.06 -23.47 -39.13
C LYS A 458 -15.04 -24.48 -38.53
N GLY A 459 -15.20 -24.46 -37.22
CA GLY A 459 -16.07 -25.39 -36.54
C GLY A 459 -15.55 -25.83 -35.19
N GLN A 460 -14.81 -24.94 -34.51
CA GLN A 460 -14.25 -25.22 -33.20
C GLN A 460 -15.01 -24.45 -32.13
N GLU A 461 -15.00 -24.99 -30.92
CA GLU A 461 -15.74 -24.38 -29.82
C GLU A 461 -15.04 -23.12 -29.33
N LEU A 462 -15.84 -22.08 -29.11
CA LEU A 462 -15.34 -20.78 -28.66
C LEU A 462 -15.45 -20.67 -27.15
N TYR A 463 -14.45 -20.03 -26.53
CA TYR A 463 -14.41 -19.83 -25.09
C TYR A 463 -14.02 -18.38 -24.81
N SER A 464 -14.26 -17.96 -23.56
CA SER A 464 -13.90 -16.62 -23.13
C SER A 464 -13.94 -16.51 -21.60
N VAL A 465 -12.77 -16.49 -20.96
CA VAL A 465 -12.73 -16.33 -19.51
C VAL A 465 -13.01 -14.89 -19.09
N ALA A 466 -12.86 -13.93 -20.00
CA ALA A 466 -13.13 -12.53 -19.67
C ALA A 466 -14.63 -12.23 -19.69
N MET A 467 -15.38 -12.87 -20.60
CA MET A 467 -16.81 -12.66 -20.72
C MET A 467 -17.63 -13.68 -19.95
N SER A 468 -17.00 -14.44 -19.06
CA SER A 468 -17.71 -15.47 -18.32
C SER A 468 -17.49 -15.40 -16.82
N PHE A 469 -16.30 -15.05 -16.37
CA PHE A 469 -15.95 -15.05 -14.96
C PHE A 469 -15.82 -13.61 -14.45
N SER A 470 -16.49 -13.32 -13.34
CA SER A 470 -16.30 -12.03 -12.67
C SER A 470 -15.08 -12.06 -11.76
N GLU A 471 -14.91 -13.16 -11.02
CA GLU A 471 -13.78 -13.33 -10.12
C GLU A 471 -13.17 -14.72 -10.33
N ILE A 472 -11.84 -14.78 -10.32
CA ILE A 472 -11.10 -16.03 -10.47
C ILE A 472 -10.28 -16.24 -9.21
N ARG A 473 -10.43 -17.40 -8.60
CA ARG A 473 -9.68 -17.76 -7.40
C ARG A 473 -9.13 -19.17 -7.55
N LEU A 474 -7.93 -19.38 -6.99
CA LEU A 474 -7.27 -20.67 -7.03
C LEU A 474 -7.20 -21.24 -5.62
N LEU A 475 -7.77 -22.43 -5.42
CA LEU A 475 -7.77 -23.08 -4.13
C LEU A 475 -6.61 -24.05 -3.96
N GLY A 476 -5.96 -24.45 -5.05
CA GLY A 476 -4.86 -25.39 -4.98
C GLY A 476 -4.86 -26.36 -6.14
N PHE A 477 -4.42 -27.59 -5.89
CA PHE A 477 -4.32 -28.61 -6.93
C PHE A 477 -4.87 -29.92 -6.42
N THR A 478 -5.34 -30.76 -7.35
CA THR A 478 -5.88 -32.06 -7.00
C THR A 478 -5.83 -32.95 -8.24
N SER A 479 -6.09 -34.24 -8.03
CA SER A 479 -6.09 -35.23 -9.11
C SER A 479 -7.52 -35.61 -9.43
N ILE A 480 -7.83 -35.68 -10.73
CA ILE A 480 -9.11 -36.18 -11.21
C ILE A 480 -8.85 -37.46 -11.99
N SER A 481 -9.53 -38.53 -11.59
CA SER A 481 -9.39 -39.83 -12.25
C SER A 481 -10.49 -40.78 -11.79
N PRO B 33 -18.63 8.11 -3.11
CA PRO B 33 -17.60 8.84 -3.87
C PRO B 33 -17.59 10.32 -3.56
N LEU B 34 -18.58 11.05 -4.08
CA LEU B 34 -18.74 12.46 -3.69
C LEU B 34 -19.24 12.58 -2.26
N PHE B 35 -20.08 11.63 -1.83
CA PHE B 35 -20.54 11.62 -0.44
C PHE B 35 -19.37 11.44 0.52
N GLN B 36 -18.50 10.46 0.25
CA GLN B 36 -17.36 10.22 1.11
C GLN B 36 -16.45 11.44 1.18
N GLU B 37 -16.28 12.14 0.05
CA GLU B 37 -15.50 13.36 0.07
C GLU B 37 -16.22 14.47 0.82
N GLN B 38 -17.55 14.43 0.86
CA GLN B 38 -18.30 15.40 1.64
C GLN B 38 -18.26 15.13 3.14
N MET B 39 -17.78 13.96 3.56
CA MET B 39 -17.57 13.71 4.97
C MET B 39 -16.38 14.45 5.53
N PHE B 40 -15.53 15.03 4.68
CA PHE B 40 -14.38 15.80 5.12
C PHE B 40 -14.51 17.29 4.88
N SER B 41 -15.56 17.73 4.18
CA SER B 41 -15.74 19.16 3.92
C SER B 41 -16.01 19.96 5.19
N LEU B 42 -16.40 19.29 6.28
CA LEU B 42 -16.61 19.97 7.54
C LEU B 42 -15.31 20.50 8.13
N LEU B 43 -14.16 19.94 7.73
CA LEU B 43 -12.88 20.49 8.09
C LEU B 43 -12.68 21.86 7.43
N PRO B 44 -11.84 22.72 7.98
CA PRO B 44 -11.50 23.96 7.29
C PRO B 44 -10.67 23.69 6.04
N VAL B 45 -10.84 24.56 5.05
CA VAL B 45 -10.11 24.42 3.80
C VAL B 45 -8.62 24.60 4.06
N ALA B 46 -7.80 23.82 3.35
CA ALA B 46 -6.37 23.93 3.51
C ALA B 46 -5.88 25.28 3.01
N PRO B 47 -4.99 25.94 3.74
CA PRO B 47 -4.48 27.25 3.28
C PRO B 47 -3.74 27.12 1.96
N ASP B 48 -3.87 28.15 1.12
CA ASP B 48 -3.24 28.17 -0.20
C ASP B 48 -1.78 28.59 -0.03
N PHE B 49 -0.87 27.64 -0.24
CA PHE B 49 0.57 27.76 -0.07
C PHE B 49 1.25 27.42 -1.39
N PRO B 50 2.36 28.08 -1.76
CA PRO B 50 2.94 27.78 -3.08
C PRO B 50 3.46 26.35 -3.20
N LYS B 51 3.48 25.88 -4.44
CA LYS B 51 3.82 24.49 -4.71
C LYS B 51 5.26 24.20 -4.30
N THR B 52 5.51 22.93 -3.99
CA THR B 52 6.82 22.45 -3.64
C THR B 52 7.03 21.09 -4.28
N ASP B 53 8.22 20.87 -4.84
CA ASP B 53 8.50 19.67 -5.62
C ASP B 53 9.32 18.70 -4.76
N PHE B 54 8.64 17.67 -4.24
CA PHE B 54 9.30 16.57 -3.55
C PHE B 54 8.40 15.35 -3.66
N ALA B 55 9.00 14.18 -3.42
CA ALA B 55 8.34 12.90 -3.67
C ALA B 55 7.81 12.30 -2.37
N VAL B 56 6.53 11.97 -2.35
CA VAL B 56 5.88 11.35 -1.20
C VAL B 56 5.18 10.09 -1.67
N SER B 57 5.49 8.96 -1.04
CA SER B 57 4.85 7.69 -1.33
C SER B 57 4.14 7.18 -0.07
N THR B 58 3.02 6.51 -0.28
CA THR B 58 2.20 6.03 0.83
C THR B 58 1.72 4.61 0.54
N THR B 59 1.65 3.80 1.59
CA THR B 59 1.21 2.42 1.48
C THR B 59 0.28 2.08 2.64
N THR B 60 -0.61 1.12 2.41
CA THR B 60 -1.46 0.56 3.45
C THR B 60 -1.12 -0.87 3.78
N ASP B 61 -0.06 -1.42 3.19
CA ASP B 61 0.39 -2.78 3.49
C ASP B 61 1.45 -2.71 4.59
N PHE B 62 1.20 -3.43 5.68
CA PHE B 62 2.05 -3.31 6.86
C PHE B 62 3.34 -4.10 6.70
N VAL B 63 4.45 -3.44 6.98
CA VAL B 63 5.74 -4.11 7.23
C VAL B 63 6.25 -3.52 8.54
N PRO B 64 7.12 -4.25 9.22
CA PRO B 64 7.48 -3.80 10.56
C PRO B 64 8.34 -2.60 10.68
N SER B 65 8.10 -1.82 11.71
CA SER B 65 8.89 -0.67 11.97
C SER B 65 10.10 -1.17 12.66
N LYS B 66 11.22 -0.54 12.39
CA LYS B 66 12.46 -0.88 12.99
C LYS B 66 12.68 -0.27 14.35
N GLY B 67 12.58 1.06 14.47
CA GLY B 67 12.89 1.77 15.70
C GLY B 67 12.56 0.86 16.77
N PRO B 68 13.49 0.64 17.65
CA PRO B 68 13.21 -0.38 18.63
C PRO B 68 11.93 -0.14 19.43
N TRP B 69 11.11 -1.16 19.58
CA TRP B 69 9.93 -1.07 20.40
C TRP B 69 10.01 -1.84 21.74
N SER B 70 9.45 -1.30 22.79
CA SER B 70 9.41 -1.94 24.11
C SER B 70 8.11 -2.68 24.36
N THR B 71 7.19 -2.68 23.40
CA THR B 71 5.93 -3.40 23.50
C THR B 71 5.92 -4.54 22.49
N THR B 72 5.42 -5.70 22.90
CA THR B 72 5.36 -6.87 22.05
C THR B 72 4.01 -7.01 21.36
N CYS B 73 3.10 -6.06 21.55
CA CYS B 73 1.81 -6.12 20.89
C CYS B 73 1.97 -5.96 19.39
N SER B 74 1.06 -6.57 18.64
CA SER B 74 1.12 -6.55 17.18
C SER B 74 0.99 -5.13 16.64
N GLU B 75 2.07 -4.60 16.05
CA GLU B 75 1.97 -3.31 15.39
C GLU B 75 1.00 -3.34 14.22
N GLU B 76 0.71 -4.52 13.68
CA GLU B 76 -0.32 -4.67 12.65
C GLU B 76 -1.71 -4.33 13.19
N SER B 77 -1.88 -4.20 14.50
CA SER B 77 -3.18 -3.83 15.05
C SER B 77 -3.43 -2.33 15.00
N VAL B 78 -2.37 -1.52 15.00
CA VAL B 78 -2.52 -0.07 15.04
C VAL B 78 -2.14 0.59 13.71
N PHE B 79 -1.24 0.01 12.94
CA PHE B 79 -0.84 0.58 11.65
C PHE B 79 -2.05 0.73 10.74
N LEU B 80 -2.17 1.91 10.12
CA LEU B 80 -3.19 2.16 9.11
C LEU B 80 -2.58 2.43 7.74
N ARG B 81 -1.64 3.38 7.68
CA ARG B 81 -1.00 3.76 6.43
C ARG B 81 0.27 4.56 6.71
N SER B 82 1.35 4.25 6.01
CA SER B 82 2.62 4.94 6.22
C SER B 82 2.85 5.96 5.11
N PHE B 83 3.84 6.83 5.34
CA PHE B 83 4.19 7.87 4.38
C PHE B 83 5.71 7.92 4.25
N HIS B 84 6.22 7.65 3.06
CA HIS B 84 7.63 7.79 2.75
C HIS B 84 7.85 9.14 2.09
N THR B 85 8.60 10.01 2.76
CA THR B 85 8.87 11.35 2.23
C THR B 85 10.29 11.73 2.64
N VAL B 86 10.61 13.03 2.54
CA VAL B 86 11.94 13.51 2.86
C VAL B 86 11.83 14.60 3.92
N ASP B 87 12.95 14.87 4.58
CA ASP B 87 13.01 15.87 5.62
C ASP B 87 13.46 17.21 5.02
N LEU B 88 13.88 18.15 5.87
CA LEU B 88 14.25 19.48 5.38
C LEU B 88 15.43 19.43 4.43
N GLU B 89 16.32 18.44 4.59
CA GLU B 89 17.52 18.32 3.78
C GLU B 89 17.39 17.27 2.69
N GLY B 90 16.20 16.71 2.48
CA GLY B 90 16.01 15.69 1.47
C GLY B 90 16.35 14.29 1.91
N LYS B 91 16.63 14.06 3.18
CA LYS B 91 16.89 12.71 3.65
C LYS B 91 15.57 11.97 3.88
N PRO B 92 15.52 10.67 3.61
CA PRO B 92 14.25 9.94 3.71
C PRO B 92 13.75 9.88 5.15
N ILE B 93 12.42 9.96 5.28
CA ILE B 93 11.76 9.85 6.58
C ILE B 93 10.42 9.16 6.36
N GLU B 94 10.09 8.24 7.25
CA GLU B 94 8.84 7.49 7.20
C GLU B 94 7.92 7.80 8.36
N LEU B 95 6.73 8.33 8.05
CA LEU B 95 5.72 8.59 9.06
C LEU B 95 4.64 7.53 8.98
N ARG B 96 4.19 7.06 10.14
CA ARG B 96 3.16 6.03 10.23
C ARG B 96 1.95 6.48 11.04
N VAL B 97 0.82 6.51 10.41
CA VAL B 97 -0.40 7.01 11.03
C VAL B 97 -1.25 5.83 11.47
N GLY B 98 -1.76 5.89 12.70
CA GLY B 98 -2.55 4.81 13.25
C GLY B 98 -3.95 4.74 12.67
N LYS B 99 -4.68 3.69 13.07
CA LYS B 99 -6.03 3.49 12.58
C LYS B 99 -6.95 4.65 12.95
N GLY B 100 -6.73 5.25 14.12
CA GLY B 100 -7.51 6.40 14.52
C GLY B 100 -7.06 7.71 13.92
N GLY B 101 -5.92 7.74 13.24
CA GLY B 101 -5.39 8.97 12.67
C GLY B 101 -4.20 9.54 13.41
N HIS B 102 -3.77 8.91 14.50
CA HIS B 102 -2.67 9.43 15.29
C HIS B 102 -1.33 9.01 14.68
N LEU B 103 -0.32 9.85 14.89
CA LEU B 103 1.04 9.57 14.45
C LEU B 103 1.77 8.80 15.54
N TYR B 104 2.19 7.58 15.23
CA TYR B 104 2.79 6.70 16.23
C TYR B 104 4.18 6.21 15.86
N SER B 105 4.68 6.59 14.71
CA SER B 105 6.03 6.22 14.32
C SER B 105 6.64 7.26 13.41
N ILE B 106 7.86 7.68 13.74
CA ILE B 106 8.62 8.63 12.93
C ILE B 106 10.03 8.05 12.79
N GLN B 107 10.27 7.39 11.67
CA GLN B 107 11.58 6.88 11.35
C GLN B 107 12.35 7.84 10.49
N SER B 108 13.29 8.57 11.07
CA SER B 108 14.09 9.53 10.34
C SER B 108 15.52 9.00 10.18
N ALA B 109 16.46 9.90 9.94
CA ALA B 109 17.83 9.49 9.65
C ALA B 109 18.57 8.97 10.88
N ILE B 110 18.08 9.26 12.08
CA ILE B 110 18.79 8.93 13.31
C ILE B 110 18.06 7.89 14.15
N GLY B 111 16.89 7.42 13.73
CA GLY B 111 16.20 6.36 14.42
C GLY B 111 14.73 6.69 14.58
N GLU B 112 14.05 5.89 15.41
CA GLU B 112 12.64 6.12 15.70
C GLU B 112 12.51 7.23 16.73
N LEU B 113 11.75 8.26 16.39
CA LEU B 113 11.59 9.43 17.24
C LEU B 113 10.37 9.35 18.16
N VAL B 114 9.63 8.25 18.12
CA VAL B 114 8.47 8.05 18.98
C VAL B 114 8.90 7.20 20.17
N PRO B 115 8.45 7.52 21.38
CA PRO B 115 8.84 6.73 22.57
C PRO B 115 8.60 5.25 22.36
N PRO B 116 9.36 4.39 23.04
CA PRO B 116 9.32 2.95 22.74
C PRO B 116 8.13 2.21 23.34
N GLN B 117 7.19 2.91 23.97
CA GLN B 117 6.00 2.30 24.58
C GLN B 117 6.41 1.24 25.61
N TRP B 118 6.96 1.73 26.72
CA TRP B 118 7.57 0.88 27.73
C TRP B 118 6.65 0.68 28.91
N ARG B 119 6.58 -0.55 29.40
CA ARG B 119 5.80 -0.88 30.59
C ARG B 119 6.70 -0.83 31.82
N HIS B 120 6.20 -0.22 32.89
CA HIS B 120 6.96 -0.04 34.13
C HIS B 120 6.68 -1.23 35.05
N ALA B 121 7.62 -2.18 35.10
CA ALA B 121 7.54 -3.31 36.00
C ALA B 121 6.27 -4.12 35.78
N ASN B 122 5.34 -4.06 36.74
CA ASN B 122 4.07 -4.77 36.64
C ASN B 122 2.92 -3.79 36.62
N HIS B 123 2.86 -2.93 35.61
CA HIS B 123 1.84 -1.87 35.53
C HIS B 123 0.41 -2.40 35.28
N LYS B 124 0.14 -3.70 35.41
CA LYS B 124 -1.20 -4.26 35.27
C LYS B 124 -1.76 -4.09 33.86
N THR B 125 -1.67 -2.87 33.32
CA THR B 125 -2.08 -2.58 31.95
C THR B 125 -0.87 -2.16 31.13
N VAL B 126 -0.97 -2.35 29.82
CA VAL B 126 0.06 -1.93 28.88
C VAL B 126 -0.51 -0.86 27.98
N SER B 127 0.39 -0.04 27.43
CA SER B 127 0.01 1.12 26.61
C SER B 127 0.66 0.97 25.24
N PRO B 128 0.04 0.22 24.33
CA PRO B 128 0.63 0.01 23.00
C PRO B 128 0.20 1.06 21.98
N TRP B 129 1.01 2.11 21.82
CA TRP B 129 0.77 3.13 20.80
C TRP B 129 -0.59 3.81 20.98
N ASN B 130 -0.96 4.06 22.23
CA ASN B 130 -2.24 4.70 22.55
C ASN B 130 -2.10 5.85 23.53
N ASP B 131 -0.87 6.23 23.88
CA ASP B 131 -0.62 7.21 24.92
C ASP B 131 0.61 8.04 24.58
N GLU B 132 1.75 7.36 24.44
CA GLU B 132 3.02 8.01 24.13
C GLU B 132 3.20 8.17 22.62
N VAL B 133 2.19 8.77 21.98
CA VAL B 133 2.16 9.01 20.55
C VAL B 133 1.54 10.38 20.30
N TRP B 134 1.73 10.89 19.09
CA TRP B 134 1.09 12.14 18.69
C TRP B 134 -0.36 11.87 18.37
N GLN B 135 -1.27 12.48 19.14
CA GLN B 135 -2.70 12.23 18.95
C GLN B 135 -3.49 13.42 19.46
N ALA B 136 -4.78 13.41 19.14
CA ALA B 136 -5.74 14.37 19.66
C ALA B 136 -6.49 13.73 20.82
N VAL B 137 -6.74 14.52 21.86
CA VAL B 137 -7.39 14.05 23.08
C VAL B 137 -8.49 15.03 23.46
N ALA B 138 -9.63 14.49 23.89
CA ALA B 138 -10.73 15.29 24.43
C ALA B 138 -11.09 14.75 25.80
N VAL B 139 -11.09 15.62 26.80
CA VAL B 139 -11.35 15.24 28.18
C VAL B 139 -12.64 15.93 28.64
N THR B 140 -13.53 15.15 29.25
CA THR B 140 -14.77 15.65 29.79
C THR B 140 -14.79 15.54 31.31
N SER B 141 -15.77 16.21 31.91
CA SER B 141 -16.00 16.10 33.35
C SER B 141 -17.48 16.13 33.70
N ASP B 142 -18.38 16.16 32.72
CA ASP B 142 -19.81 16.30 32.98
C ASP B 142 -20.34 15.24 33.93
N PRO B 143 -20.09 13.93 33.74
CA PRO B 143 -20.40 12.98 34.82
C PRO B 143 -19.18 12.76 35.70
N ASN B 144 -18.11 12.24 35.12
CA ASN B 144 -16.82 12.08 35.79
C ASN B 144 -15.71 12.41 34.81
N LYS B 145 -14.51 12.60 35.34
CA LYS B 145 -13.35 12.89 34.51
C LYS B 145 -13.03 11.69 33.62
N VAL B 146 -13.38 11.77 32.34
CA VAL B 146 -13.17 10.69 31.38
C VAL B 146 -12.37 11.23 30.21
N PHE B 147 -11.34 10.50 29.80
CA PHE B 147 -10.52 10.86 28.66
C PHE B 147 -10.99 10.11 27.42
N VAL B 148 -10.82 10.73 26.26
CA VAL B 148 -11.22 10.16 24.98
C VAL B 148 -10.02 10.25 24.04
N HIS B 149 -9.45 9.10 23.68
CA HIS B 149 -8.27 9.05 22.84
C HIS B 149 -8.64 8.97 21.38
N GLN B 150 -7.76 9.49 20.52
CA GLN B 150 -7.83 9.25 19.09
C GLN B 150 -7.24 7.89 18.73
N SER B 151 -6.39 7.33 19.59
CA SER B 151 -5.64 6.12 19.28
C SER B 151 -6.37 4.86 19.71
N GLY B 152 -6.17 4.44 20.96
CA GLY B 152 -6.74 3.19 21.42
C GLY B 152 -6.83 3.13 22.93
N CYS B 153 -6.89 1.89 23.44
CA CYS B 153 -7.13 1.64 24.85
C CYS B 153 -5.89 1.08 25.53
N TYR B 154 -5.74 1.42 26.82
CA TYR B 154 -4.86 0.65 27.68
C TYR B 154 -5.47 -0.72 27.91
N VAL B 155 -4.66 -1.77 27.77
CA VAL B 155 -5.15 -3.13 27.87
C VAL B 155 -4.27 -3.93 28.83
N LYS B 156 -4.86 -4.98 29.38
CA LYS B 156 -4.07 -5.96 30.10
C LYS B 156 -3.13 -6.67 29.11
N PRO B 157 -1.97 -7.14 29.58
CA PRO B 157 -0.98 -7.69 28.65
C PRO B 157 -1.44 -8.95 27.92
N GLU B 158 -2.65 -9.42 28.22
CA GLU B 158 -3.15 -10.68 27.68
C GLU B 158 -4.35 -10.53 26.76
N GLU B 159 -5.20 -9.52 26.96
CA GLU B 159 -6.38 -9.34 26.13
C GLU B 159 -5.96 -8.83 24.75
N PRO B 160 -6.84 -8.91 23.76
CA PRO B 160 -6.56 -8.28 22.47
C PRO B 160 -6.54 -6.77 22.60
N PRO B 161 -5.47 -6.12 22.16
CA PRO B 161 -5.45 -4.65 22.13
C PRO B 161 -6.52 -4.10 21.21
N PHE B 162 -6.92 -2.86 21.47
CA PHE B 162 -7.97 -2.21 20.72
C PHE B 162 -7.51 -0.83 20.25
N TYR B 163 -7.97 -0.44 19.06
CA TYR B 163 -7.68 0.87 18.50
C TYR B 163 -8.92 1.39 17.79
N ALA B 164 -9.03 2.70 17.72
CA ALA B 164 -10.16 3.33 17.05
C ALA B 164 -10.10 3.06 15.55
N PRO B 165 -11.09 2.40 14.96
CA PRO B 165 -11.03 2.09 13.53
C PRO B 165 -11.16 3.34 12.68
N CYS B 166 -10.64 3.25 11.45
CA CYS B 166 -10.72 4.34 10.49
C CYS B 166 -12.05 4.24 9.75
N LEU B 167 -12.90 5.25 9.94
CA LEU B 167 -14.22 5.22 9.33
C LEU B 167 -14.22 5.64 7.86
N ALA B 168 -13.29 6.50 7.48
CA ALA B 168 -13.15 6.94 6.10
C ALA B 168 -11.78 7.59 5.93
N GLN B 169 -11.23 7.47 4.72
CA GLN B 169 -9.94 8.05 4.41
C GLN B 169 -9.88 8.41 2.93
N SER B 170 -9.00 9.36 2.61
CA SER B 170 -8.86 9.82 1.23
C SER B 170 -7.44 10.34 1.04
N TRP B 171 -6.71 9.74 0.11
CA TRP B 171 -5.37 10.18 -0.24
C TRP B 171 -5.37 10.89 -1.59
N SER B 172 -4.66 12.01 -1.66
CA SER B 172 -4.51 12.78 -2.90
C SER B 172 -3.03 12.95 -3.17
N GLN B 173 -2.54 12.27 -4.20
CA GLN B 173 -1.10 12.32 -4.51
C GLN B 173 -0.70 13.68 -5.07
N GLU B 174 -1.58 14.31 -5.86
CA GLU B 174 -1.26 15.60 -6.43
C GLU B 174 -1.12 16.67 -5.34
N ASP B 175 -1.96 16.60 -4.31
CA ASP B 175 -1.94 17.58 -3.24
C ASP B 175 -1.15 17.12 -2.03
N LYS B 176 -0.65 15.88 -2.03
CA LYS B 176 0.06 15.31 -0.88
C LYS B 176 -0.74 15.50 0.41
N THR B 177 -2.03 15.18 0.33
CA THR B 177 -2.97 15.42 1.42
C THR B 177 -3.63 14.12 1.82
N PHE B 178 -3.55 13.78 3.10
CA PHE B 178 -4.28 12.66 3.67
C PHE B 178 -5.34 13.21 4.61
N THR B 179 -6.59 12.82 4.38
CA THR B 179 -7.70 13.21 5.23
C THR B 179 -8.45 11.95 5.64
N MET B 180 -8.83 11.88 6.91
CA MET B 180 -9.53 10.70 7.41
C MET B 180 -10.40 11.08 8.59
N LEU B 181 -11.33 10.17 8.92
CA LEU B 181 -12.28 10.37 10.00
C LEU B 181 -12.30 9.13 10.88
N SER B 182 -12.40 9.35 12.19
CA SER B 182 -12.40 8.25 13.15
C SER B 182 -13.33 8.58 14.31
N TRP B 183 -13.66 7.54 15.07
CA TRP B 183 -14.51 7.67 16.25
C TRP B 183 -13.63 7.59 17.48
N GLY B 184 -13.68 8.63 18.32
CA GLY B 184 -12.87 8.64 19.53
C GLY B 184 -13.20 7.47 20.42
N ILE B 185 -12.20 7.06 21.22
CA ILE B 185 -12.31 5.88 22.07
C ILE B 185 -11.85 6.23 23.47
N VAL B 186 -12.59 5.76 24.46
CA VAL B 186 -12.13 5.88 25.86
C VAL B 186 -11.03 4.86 26.09
N PRO B 187 -9.86 5.29 26.59
CA PRO B 187 -8.71 4.35 26.69
C PRO B 187 -8.90 3.25 27.70
N GLN B 188 -9.97 3.26 28.50
CA GLN B 188 -10.29 2.16 29.39
C GLN B 188 -11.22 1.21 28.66
N VAL B 189 -10.87 -0.08 28.65
CA VAL B 189 -11.67 -1.08 27.94
C VAL B 189 -13.12 -1.02 28.41
N THR B 190 -13.32 -1.08 29.72
CA THR B 190 -14.64 -0.93 30.32
C THR B 190 -14.73 0.44 30.96
N SER B 191 -15.75 1.21 30.59
CA SER B 191 -15.88 2.58 31.06
C SER B 191 -17.36 2.93 31.21
N THR B 192 -17.61 3.95 32.03
CA THR B 192 -18.97 4.46 32.23
C THR B 192 -19.42 5.37 31.11
N LEU B 193 -18.51 5.78 30.22
CA LEU B 193 -18.83 6.73 29.15
C LEU B 193 -18.44 6.11 27.82
N VAL B 194 -19.41 6.05 26.90
CA VAL B 194 -19.13 5.75 25.50
C VAL B 194 -18.80 7.07 24.81
N SER B 195 -17.64 7.11 24.15
CA SER B 195 -17.16 8.36 23.58
C SER B 195 -18.16 8.94 22.59
N GLU B 196 -18.40 10.24 22.70
CA GLU B 196 -19.25 10.98 21.78
C GLU B 196 -18.46 12.01 20.99
N VAL B 197 -17.18 11.73 20.73
CA VAL B 197 -16.30 12.64 20.03
C VAL B 197 -15.80 11.96 18.77
N LEU B 198 -16.00 12.61 17.63
CA LEU B 198 -15.39 12.20 16.37
C LEU B 198 -14.13 12.99 16.14
N TYR B 199 -13.19 12.38 15.42
CA TYR B 199 -11.88 12.99 15.16
C TYR B 199 -11.68 13.12 13.66
N TYR B 200 -11.64 14.36 13.17
CA TYR B 200 -11.29 14.65 11.79
C TYR B 200 -9.81 14.99 11.74
N THR B 201 -9.05 14.23 10.95
CA THR B 201 -7.60 14.42 10.86
C THR B 201 -7.21 14.61 9.40
N ARG B 202 -6.36 15.60 9.15
CA ARG B 202 -5.79 15.83 7.83
C ARG B 202 -4.27 15.96 7.95
N TYR B 203 -3.55 15.26 7.08
CA TYR B 203 -2.10 15.35 6.99
C TYR B 203 -1.76 15.92 5.62
N ARG B 204 -1.10 17.07 5.60
CA ARG B 204 -0.66 17.70 4.37
C ARG B 204 0.85 17.89 4.41
N PHE B 205 1.54 17.30 3.45
CA PHE B 205 2.98 17.43 3.31
C PHE B 205 3.25 18.68 2.49
N VAL B 206 3.34 19.83 3.17
CA VAL B 206 3.40 21.13 2.51
C VAL B 206 4.82 21.53 2.10
N ALA B 207 5.84 20.86 2.62
CA ALA B 207 7.23 21.18 2.32
C ALA B 207 8.10 20.03 2.82
N PRO B 208 9.32 19.90 2.26
CA PRO B 208 10.24 18.87 2.78
C PRO B 208 10.50 19.06 4.26
N GLY B 209 10.19 18.02 5.04
CA GLY B 209 10.33 18.07 6.48
C GLY B 209 9.21 18.77 7.21
N VAL B 210 8.26 19.39 6.49
CA VAL B 210 7.16 20.10 7.11
C VAL B 210 5.87 19.35 6.79
N VAL B 211 5.20 18.87 7.84
CA VAL B 211 3.94 18.15 7.72
C VAL B 211 2.86 18.98 8.40
N GLU B 212 1.77 19.25 7.67
CA GLU B 212 0.65 20.01 8.20
C GLU B 212 -0.38 19.05 8.77
N VAL B 213 -0.72 19.24 10.04
CA VAL B 213 -1.71 18.42 10.73
C VAL B 213 -2.90 19.30 11.08
N THR B 214 -4.09 18.90 10.64
CA THR B 214 -5.33 19.55 10.99
C THR B 214 -6.19 18.57 11.76
N SER B 215 -6.55 18.94 12.99
CA SER B 215 -7.30 18.05 13.88
C SER B 215 -8.69 18.64 14.09
N GLY B 216 -9.71 17.88 13.70
CA GLY B 216 -11.09 18.26 13.91
C GLY B 216 -11.72 17.40 15.00
N LEU B 217 -12.36 18.07 15.96
CA LEU B 217 -12.94 17.41 17.13
C LEU B 217 -14.41 17.80 17.21
N PHE B 218 -15.30 16.93 16.72
CA PHE B 218 -16.73 17.17 16.79
C PHE B 218 -17.32 16.37 17.93
N ASP B 219 -18.11 17.04 18.76
CA ASP B 219 -18.81 16.42 19.89
C ASP B 219 -20.28 16.27 19.50
N PHE B 220 -20.72 15.03 19.29
CA PHE B 220 -22.10 14.76 18.92
C PHE B 220 -22.96 14.32 20.11
N GLY B 221 -22.38 14.20 21.29
CA GLY B 221 -23.14 13.87 22.48
C GLY B 221 -23.82 15.10 23.06
N LYS B 222 -24.39 14.89 24.25
CA LYS B 222 -25.08 15.96 24.97
C LYS B 222 -24.30 16.48 26.18
N ARG B 223 -23.03 16.10 26.29
CA ARG B 223 -22.13 16.63 27.30
C ARG B 223 -20.96 17.33 26.62
N ASN B 224 -20.21 18.10 27.40
CA ASN B 224 -19.10 18.88 26.88
C ASN B 224 -17.79 18.15 27.06
N TYR B 225 -16.79 18.53 26.24
CA TYR B 225 -15.40 18.04 26.34
C TYR B 225 -14.51 19.28 26.18
N LEU B 226 -14.37 20.05 27.26
CA LEU B 226 -13.73 21.35 27.18
C LEU B 226 -12.20 21.27 27.18
N TRP B 227 -11.63 20.16 27.63
CA TRP B 227 -10.18 20.00 27.67
C TRP B 227 -9.72 19.21 26.45
N LEU B 228 -8.85 19.82 25.65
CA LEU B 228 -8.35 19.20 24.44
C LEU B 228 -6.84 19.19 24.43
N ASN B 229 -6.28 18.28 23.61
CA ASN B 229 -4.85 18.21 23.33
C ASN B 229 -4.70 18.31 21.82
N THR B 230 -4.10 19.40 21.35
CA THR B 230 -3.94 19.66 19.92
C THR B 230 -2.48 19.98 19.62
N PRO B 231 -1.60 18.97 19.63
CA PRO B 231 -1.86 17.56 19.97
C PRO B 231 -1.29 17.14 21.31
N TRP B 232 -1.67 15.98 21.81
CA TRP B 232 -0.87 15.30 22.82
C TRP B 232 0.22 14.50 22.11
N GLY B 233 1.44 14.57 22.66
CA GLY B 233 2.52 13.83 22.04
C GLY B 233 3.83 13.91 22.79
N GLY B 234 4.93 13.97 22.04
CA GLY B 234 6.26 13.95 22.62
C GLY B 234 7.22 13.11 21.81
N VAL B 235 8.49 13.09 22.21
CA VAL B 235 9.54 12.45 21.45
C VAL B 235 10.27 11.43 22.33
N ARG B 236 11.01 10.55 21.66
CA ARG B 236 11.88 9.62 22.35
C ARG B 236 13.12 10.36 22.85
N GLN B 237 13.38 10.28 24.16
CA GLN B 237 14.43 11.11 24.76
C GLN B 237 15.81 10.74 24.24
N THR B 238 16.09 9.44 24.08
CA THR B 238 17.41 9.03 23.63
C THR B 238 17.69 9.45 22.18
N ALA B 239 16.67 9.82 21.43
CA ALA B 239 16.86 10.32 20.07
C ALA B 239 16.98 11.84 20.04
N LEU B 240 16.03 12.54 20.64
CA LEU B 240 16.04 13.99 20.76
C LEU B 240 16.02 14.33 22.25
N GLY B 241 17.17 14.72 22.79
CA GLY B 241 17.30 14.91 24.22
C GLY B 241 17.22 16.34 24.69
N GLU B 242 17.38 17.30 23.77
CA GLU B 242 17.32 18.71 24.09
C GLU B 242 15.91 19.23 23.82
N LEU B 243 15.36 19.98 24.77
CA LEU B 243 14.03 20.55 24.67
C LEU B 243 14.16 22.07 24.52
N TRP B 244 13.75 22.58 23.36
CA TRP B 244 13.87 23.99 23.04
C TRP B 244 12.49 24.61 22.86
N ILE B 245 12.39 25.90 23.20
CA ILE B 245 11.15 26.66 23.05
C ILE B 245 11.49 28.03 22.48
N ALA B 246 10.78 28.43 21.44
CA ALA B 246 11.12 29.64 20.69
C ALA B 246 11.00 30.88 21.56
N ASP B 247 11.88 31.84 21.30
CA ASP B 247 11.84 33.13 21.97
C ASP B 247 10.71 33.98 21.40
N LYS B 248 9.99 34.67 22.28
CA LYS B 248 8.81 35.43 21.87
C LYS B 248 9.16 36.67 21.07
N SER B 249 10.38 37.19 21.20
CA SER B 249 10.75 38.45 20.57
C SER B 249 11.97 38.35 19.65
N GLU B 250 12.42 37.13 19.35
CA GLU B 250 13.53 36.89 18.43
C GLU B 250 13.10 35.79 17.47
N ARG B 251 12.73 36.17 16.25
CA ARG B 251 12.25 35.20 15.28
C ARG B 251 13.35 34.23 14.91
N GLY B 252 13.02 32.93 14.93
CA GLY B 252 13.99 31.91 14.61
C GLY B 252 14.96 31.58 15.71
N THR B 253 14.64 31.93 16.95
CA THR B 253 15.53 31.74 18.09
C THR B 253 14.77 31.01 19.19
N ALA B 254 15.37 29.94 19.71
CA ALA B 254 14.76 29.16 20.78
C ALA B 254 15.64 29.22 22.03
N LYS B 255 15.02 29.00 23.18
CA LYS B 255 15.73 28.89 24.44
C LYS B 255 15.82 27.43 24.85
N TRP B 256 17.00 27.02 25.32
CA TRP B 256 17.23 25.64 25.73
C TRP B 256 16.94 25.53 27.21
N LEU B 257 15.88 24.80 27.55
CA LEU B 257 15.55 24.53 28.94
C LEU B 257 16.57 23.53 29.47
N ASN B 258 17.73 24.08 29.83
CA ASN B 258 18.75 23.27 30.48
C ASN B 258 18.31 22.66 31.81
N PRO B 259 17.41 23.30 32.62
CA PRO B 259 16.91 22.54 33.80
C PRO B 259 15.84 21.54 33.39
N MET B 260 16.29 20.46 32.71
CA MET B 260 15.43 19.56 31.96
C MET B 260 14.15 19.28 32.73
N PRO B 261 13.04 19.88 32.32
CA PRO B 261 11.85 19.89 33.16
C PRO B 261 11.29 18.48 33.35
N ARG B 262 10.58 18.31 34.45
CA ARG B 262 9.90 17.06 34.74
C ARG B 262 8.41 17.25 34.47
N PHE B 263 7.84 16.40 33.62
CA PHE B 263 6.40 16.40 33.44
C PHE B 263 5.75 15.91 34.73
N GLY B 264 4.85 16.72 35.28
CA GLY B 264 4.30 16.52 36.62
C GLY B 264 4.59 17.67 37.55
N ALA B 265 5.69 18.39 37.32
CA ALA B 265 5.92 19.64 38.02
C ALA B 265 5.03 20.76 37.48
N ALA B 266 4.62 20.66 36.22
CA ALA B 266 3.59 21.51 35.61
C ALA B 266 4.07 22.96 35.64
N HIS B 267 3.39 23.86 36.34
CA HIS B 267 3.75 25.27 36.34
C HIS B 267 5.15 25.52 36.88
N ASP B 268 5.78 24.53 37.51
CA ASP B 268 7.12 24.69 38.09
C ASP B 268 8.17 24.35 37.03
N GLY B 269 8.35 25.29 36.10
CA GLY B 269 9.36 25.18 35.08
C GLY B 269 9.02 24.28 33.91
N ALA B 270 7.91 23.55 33.96
CA ALA B 270 7.51 22.63 32.89
C ALA B 270 6.22 23.09 32.21
N LEU B 271 6.03 24.40 32.08
CA LEU B 271 4.79 24.94 31.55
C LEU B 271 5.04 26.33 30.99
N ASP B 272 4.25 26.70 29.98
CA ASP B 272 4.33 28.02 29.39
C ASP B 272 3.03 28.30 28.66
N SER B 273 2.85 29.57 28.27
CA SER B 273 1.71 30.00 27.48
C SER B 273 2.17 30.38 26.09
N ALA B 274 1.24 30.29 25.12
CA ALA B 274 1.60 30.53 23.73
C ALA B 274 2.11 31.96 23.51
N GLY B 275 1.57 32.94 24.24
CA GLY B 275 2.01 34.30 24.07
C GLY B 275 3.43 34.53 24.55
N ASN B 276 3.89 33.74 25.51
CA ASN B 276 5.22 33.90 26.08
C ASN B 276 6.31 33.26 25.25
N THR B 277 5.98 32.69 24.08
CA THR B 277 6.98 32.06 23.23
C THR B 277 6.89 32.59 21.81
N GLY B 278 7.61 31.95 20.89
CA GLY B 278 7.56 32.25 19.48
C GLY B 278 6.59 31.42 18.67
N GLY B 279 5.75 30.63 19.34
CA GLY B 279 4.75 29.84 18.67
C GLY B 279 5.15 28.43 18.31
N TRP B 280 6.39 28.03 18.55
CA TRP B 280 6.84 26.69 18.22
C TRP B 280 7.88 26.24 19.23
N MET B 281 8.06 24.92 19.29
CA MET B 281 9.08 24.30 20.13
C MET B 281 9.89 23.33 19.28
N ALA B 282 10.99 22.85 19.85
CA ALA B 282 11.89 21.97 19.11
C ALA B 282 12.52 20.96 20.07
N PHE B 283 12.66 19.73 19.60
CA PHE B 283 13.33 18.66 20.33
C PHE B 283 14.51 18.20 19.47
N ALA B 284 15.72 18.46 19.94
CA ALA B 284 16.93 18.20 19.17
C ALA B 284 17.82 17.19 19.88
N GLU B 285 18.78 16.66 19.13
CA GLU B 285 19.76 15.74 19.69
C GLU B 285 20.67 16.46 20.68
N GLU B 286 21.25 15.69 21.59
CA GLU B 286 22.20 16.24 22.55
C GLU B 286 23.56 16.39 21.88
N GLY B 287 24.09 17.60 21.91
CA GLY B 287 25.36 17.89 21.26
C GLY B 287 25.36 19.31 20.74
N GLN B 288 26.51 19.70 20.19
CA GLN B 288 26.72 21.07 19.72
C GLN B 288 26.91 21.15 18.21
N ASP B 289 26.58 20.10 17.48
CA ASP B 289 26.58 20.18 16.02
C ASP B 289 25.33 20.93 15.58
N PRO B 290 25.48 22.07 14.88
CA PRO B 290 24.28 22.82 14.46
C PRO B 290 23.41 22.07 13.48
N ASN B 291 23.92 21.02 12.84
CA ASN B 291 23.16 20.25 11.86
C ASN B 291 22.57 18.97 12.45
N ARG B 292 22.59 18.82 13.77
CA ARG B 292 22.03 17.63 14.39
C ARG B 292 20.51 17.59 14.19
N TYR B 293 19.95 16.39 14.31
CA TYR B 293 18.53 16.22 14.00
C TYR B 293 17.66 16.84 15.08
N ALA B 294 16.47 17.28 14.66
CA ALA B 294 15.52 17.92 15.54
C ALA B 294 14.12 17.74 14.98
N MET B 295 13.12 18.03 15.82
CA MET B 295 11.72 18.00 15.42
C MET B 295 11.03 19.25 15.92
N GLY B 296 10.23 19.87 15.06
CA GLY B 296 9.51 21.09 15.39
C GLY B 296 8.03 20.84 15.54
N LEU B 297 7.37 21.71 16.31
CA LEU B 297 5.92 21.66 16.49
C LEU B 297 5.45 23.05 16.88
N THR B 298 4.44 23.54 16.16
CA THR B 298 3.94 24.91 16.32
C THR B 298 2.65 24.92 17.10
N PHE B 299 2.41 26.01 17.84
CA PHE B 299 1.17 26.16 18.61
C PHE B 299 0.49 27.52 18.46
N GLY B 300 1.10 28.51 17.83
CA GLY B 300 0.35 29.62 17.24
C GLY B 300 0.52 31.00 17.85
N ARG B 301 1.17 31.18 19.00
CA ARG B 301 1.42 32.47 19.65
C ARG B 301 0.16 33.14 20.19
N ASP B 302 -1.01 32.50 20.12
CA ASP B 302 -2.25 33.02 20.72
C ASP B 302 -2.68 34.34 20.08
N VAL B 303 -2.48 34.46 18.77
CA VAL B 303 -2.92 35.64 18.03
C VAL B 303 -4.06 35.30 17.06
N PHE B 304 -4.55 34.07 17.10
CA PHE B 304 -5.66 33.70 16.22
C PHE B 304 -6.92 34.44 16.63
N PRO B 305 -7.73 34.90 15.65
CA PRO B 305 -8.86 35.78 15.98
C PRO B 305 -10.03 35.00 16.54
N THR B 306 -10.56 35.48 17.67
CA THR B 306 -11.67 34.82 18.35
C THR B 306 -12.91 35.71 18.44
N THR B 307 -12.88 36.92 17.90
CA THR B 307 -14.04 37.79 17.91
C THR B 307 -15.04 37.34 16.86
N GLY B 308 -16.32 37.33 17.23
CA GLY B 308 -17.35 36.81 16.36
C GLY B 308 -17.27 35.31 16.26
N MET B 309 -17.11 34.66 17.41
CA MET B 309 -16.94 33.22 17.49
C MET B 309 -17.68 32.72 18.73
N ASN B 310 -18.26 31.53 18.62
CA ASN B 310 -19.05 30.96 19.71
C ASN B 310 -18.26 30.96 21.00
N SER B 311 -18.73 31.74 21.98
CA SER B 311 -17.99 31.95 23.21
C SER B 311 -17.85 30.67 24.03
N ALA B 312 -18.85 29.78 23.96
CA ALA B 312 -18.80 28.54 24.72
C ALA B 312 -17.68 27.62 24.24
N LEU B 313 -17.12 27.86 23.06
CA LEU B 313 -16.00 27.07 22.55
C LEU B 313 -14.65 27.63 22.99
N LEU B 314 -14.62 28.75 23.72
CA LEU B 314 -13.38 29.30 24.25
C LEU B 314 -13.39 29.16 25.77
N PRO B 315 -13.11 27.97 26.30
CA PRO B 315 -13.23 27.77 27.75
C PRO B 315 -12.07 28.32 28.55
N ARG B 316 -10.88 28.46 27.96
CA ARG B 316 -9.68 28.78 28.72
C ARG B 316 -9.10 30.11 28.28
N ASP B 317 -8.19 30.63 29.14
CA ASP B 317 -7.61 31.95 28.92
C ASP B 317 -6.78 31.98 27.64
N LYS B 318 -5.89 31.01 27.46
CA LYS B 318 -4.96 31.02 26.34
C LYS B 318 -4.47 29.58 26.11
N THR B 319 -3.47 29.44 25.24
CA THR B 319 -2.93 28.15 24.90
C THR B 319 -1.74 27.81 25.80
N LEU B 320 -1.75 26.62 26.38
CA LEU B 320 -0.68 26.15 27.24
C LEU B 320 0.10 25.04 26.55
N ILE B 321 1.41 25.01 26.77
CA ILE B 321 2.29 23.97 26.27
C ILE B 321 2.96 23.32 27.47
N ARG B 322 2.55 22.10 27.79
CA ARG B 322 3.19 21.33 28.85
C ARG B 322 4.26 20.43 28.26
N PHE B 323 5.38 20.31 28.97
CA PHE B 323 6.52 19.55 28.50
C PHE B 323 7.29 19.02 29.69
N GLY B 324 8.32 18.23 29.41
CA GLY B 324 9.20 17.72 30.45
C GLY B 324 9.35 16.21 30.36
N GLN B 325 10.34 15.72 31.09
CA GLN B 325 10.67 14.30 31.09
C GLN B 325 9.69 13.52 31.94
N ALA B 326 9.26 12.38 31.42
CA ALA B 326 8.53 11.38 32.19
C ALA B 326 9.41 10.16 32.35
N GLY B 327 9.34 9.53 33.51
CA GLY B 327 10.06 8.30 33.79
C GLY B 327 11.55 8.33 33.49
N GLY B 328 12.15 7.14 33.36
CA GLY B 328 13.57 7.07 33.07
C GLY B 328 13.89 7.42 31.62
N LYS B 329 15.13 7.83 31.40
CA LYS B 329 15.56 8.25 30.07
C LYS B 329 15.77 7.06 29.14
N GLU B 330 16.35 5.98 29.64
CA GLU B 330 16.60 4.80 28.82
C GLU B 330 15.47 3.78 28.88
N THR B 331 14.50 3.96 29.77
CA THR B 331 13.38 3.03 29.92
C THR B 331 12.08 3.68 29.44
N ARG B 332 11.57 4.67 30.16
CA ARG B 332 10.38 5.37 29.69
C ARG B 332 10.66 6.12 28.40
N ASN B 333 11.80 6.81 28.33
CA ASN B 333 12.32 7.39 27.09
C ASN B 333 11.29 8.29 26.42
N TYR B 334 10.75 9.23 27.21
CA TYR B 334 9.62 10.05 26.77
C TYR B 334 9.83 11.48 27.26
N ILE B 335 10.04 12.40 26.32
CA ILE B 335 9.94 13.83 26.59
C ILE B 335 8.55 14.27 26.17
N VAL B 336 7.76 14.74 27.13
CA VAL B 336 6.36 15.04 26.88
C VAL B 336 6.23 16.38 26.15
N ALA B 337 5.19 16.48 25.32
CA ALA B 337 4.86 17.72 24.64
C ALA B 337 3.38 17.69 24.32
N VAL B 338 2.63 18.68 24.81
CA VAL B 338 1.19 18.73 24.59
C VAL B 338 0.75 20.18 24.52
N VAL B 339 -0.07 20.47 23.52
CA VAL B 339 -0.63 21.80 23.32
C VAL B 339 -2.06 21.79 23.82
N ILE B 340 -2.32 22.51 24.90
CA ILE B 340 -3.69 22.67 25.41
C ILE B 340 -4.21 24.02 24.91
N PRO B 341 -5.00 24.05 23.84
CA PRO B 341 -5.42 25.32 23.27
C PRO B 341 -6.49 26.00 24.12
N ARG B 342 -6.82 27.21 23.72
CA ARG B 342 -7.94 27.94 24.30
C ARG B 342 -9.29 27.44 23.83
N LEU B 343 -9.32 26.26 23.20
CA LEU B 343 -10.52 25.73 22.56
C LEU B 343 -11.08 24.55 23.34
N GLY B 344 -12.40 24.39 23.23
CA GLY B 344 -13.09 23.24 23.77
C GLY B 344 -14.32 22.99 22.92
N VAL B 345 -14.91 21.80 23.07
CA VAL B 345 -16.05 21.40 22.27
C VAL B 345 -17.26 21.21 23.19
N ILE B 346 -18.43 21.58 22.68
CA ILE B 346 -19.68 21.44 23.42
C ILE B 346 -20.62 20.53 22.62
N SER B 347 -21.81 20.29 23.16
CA SER B 347 -22.75 19.37 22.52
C SER B 347 -23.15 19.88 21.14
N GLY B 348 -23.07 18.99 20.15
CA GLY B 348 -23.48 19.32 18.80
C GLY B 348 -22.58 20.26 18.04
N HIS B 349 -21.41 20.58 18.58
CA HIS B 349 -20.48 21.50 17.94
C HIS B 349 -19.11 20.84 17.79
N GLY B 350 -18.27 21.45 16.98
CA GLY B 350 -16.92 20.95 16.77
C GLY B 350 -15.97 22.09 16.51
N VAL B 351 -14.72 21.89 16.91
CA VAL B 351 -13.66 22.86 16.69
C VAL B 351 -12.54 22.19 15.91
N TRP B 352 -11.60 23.00 15.43
CA TRP B 352 -10.46 22.51 14.67
C TRP B 352 -9.21 23.29 15.06
N TRP B 353 -8.06 22.63 14.92
CA TRP B 353 -6.78 23.25 15.21
C TRP B 353 -5.80 22.83 14.12
N ARG B 354 -5.09 23.81 13.56
CA ARG B 354 -4.16 23.59 12.45
C ARG B 354 -2.76 23.96 12.91
N TYR B 355 -1.89 22.95 13.01
CA TYR B 355 -0.51 23.18 13.41
C TYR B 355 0.45 22.47 12.45
N TYR B 356 1.75 22.50 12.74
CA TYR B 356 2.75 21.95 11.84
C TYR B 356 3.81 21.22 12.63
N MET B 357 4.36 20.18 12.01
CA MET B 357 5.49 19.42 12.56
C MET B 357 6.65 19.48 11.60
N ALA B 358 7.82 19.88 12.10
CA ALA B 358 9.03 19.96 11.29
C ALA B 358 9.97 18.82 11.66
N PHE B 359 10.71 18.33 10.66
CA PHE B 359 11.65 17.23 10.84
C PHE B 359 12.90 17.51 10.01
N GLY B 360 14.05 17.58 10.67
CA GLY B 360 15.29 17.75 9.95
C GLY B 360 16.35 18.37 10.84
N ALA B 361 17.32 19.02 10.19
CA ALA B 361 18.47 19.60 10.88
C ALA B 361 18.03 20.74 11.79
N PHE B 362 18.72 20.87 12.93
CA PHE B 362 18.31 21.82 13.96
C PHE B 362 18.39 23.26 13.46
N GLU B 363 19.50 23.63 12.81
CA GLU B 363 19.66 25.00 12.35
C GLU B 363 18.66 25.34 11.26
N ALA B 364 18.38 24.40 10.36
CA ALA B 364 17.38 24.63 9.32
C ALA B 364 15.97 24.57 9.89
N LEU B 365 15.75 23.76 10.93
CA LEU B 365 14.42 23.64 11.51
C LEU B 365 14.02 24.93 12.23
N LYS B 366 14.98 25.62 12.84
CA LYS B 366 14.67 26.85 13.56
C LYS B 366 14.46 28.03 12.63
N LYS B 367 15.00 27.98 11.40
CA LYS B 367 14.77 29.04 10.43
C LYS B 367 13.39 28.95 9.80
N GLN B 368 12.83 27.74 9.70
CA GLN B 368 11.58 27.53 8.98
C GLN B 368 10.37 27.44 9.89
N CYS B 369 10.55 27.21 11.18
CA CYS B 369 9.45 27.06 12.13
C CYS B 369 8.66 28.35 12.36
N PRO B 370 9.29 29.53 12.47
CA PRO B 370 8.51 30.75 12.74
C PRO B 370 7.43 31.03 11.70
N ASP B 371 7.70 30.72 10.43
CA ASP B 371 6.69 30.97 9.40
C ASP B 371 5.49 30.06 9.56
N TRP B 372 5.71 28.82 10.01
CA TRP B 372 4.61 27.89 10.21
C TRP B 372 3.86 28.15 11.51
N ALA B 373 4.53 28.72 12.51
CA ALA B 373 3.84 29.09 13.74
C ALA B 373 2.86 30.22 13.51
N ASP B 374 3.17 31.15 12.61
CA ASP B 374 2.24 32.21 12.27
C ASP B 374 1.05 31.70 11.46
N LYS B 375 1.19 30.53 10.83
CA LYS B 375 0.07 29.88 10.15
C LYS B 375 -0.74 28.98 11.07
N THR B 376 -0.22 28.66 12.25
CA THR B 376 -0.95 27.84 13.20
C THR B 376 -2.08 28.65 13.80
N SER B 377 -3.31 28.15 13.67
CA SER B 377 -4.50 28.83 14.17
C SER B 377 -5.60 27.81 14.33
N GLY B 378 -6.81 28.28 14.59
CA GLY B 378 -7.94 27.38 14.77
C GLY B 378 -9.24 28.15 14.87
N GLY B 379 -10.32 27.39 14.89
CA GLY B 379 -11.63 27.96 15.02
C GLY B 379 -12.67 26.88 15.23
N GLU B 380 -13.93 27.26 15.02
CA GLU B 380 -15.00 26.28 15.08
C GLU B 380 -15.15 25.59 13.73
N MET B 381 -15.24 24.26 13.75
CA MET B 381 -15.51 23.51 12.54
C MET B 381 -16.96 23.79 12.12
N VAL B 382 -17.12 24.47 11.00
CA VAL B 382 -18.43 24.95 10.58
C VAL B 382 -19.13 23.89 9.74
N VAL B 383 -20.46 23.90 9.81
CA VAL B 383 -21.30 23.01 9.01
C VAL B 383 -21.64 23.73 7.71
N PRO B 384 -21.23 23.23 6.56
CA PRO B 384 -21.56 23.90 5.29
C PRO B 384 -23.06 23.96 5.07
N SER B 385 -23.55 25.16 4.75
CA SER B 385 -24.97 25.36 4.45
C SER B 385 -25.34 24.91 3.05
N ILE B 386 -24.39 24.43 2.25
CA ILE B 386 -24.71 23.91 0.94
C ILE B 386 -25.48 22.60 1.06
N SER B 387 -26.11 22.20 -0.04
CA SER B 387 -26.73 20.89 -0.10
C SER B 387 -25.66 19.82 -0.30
N SER B 388 -26.02 18.59 0.04
CA SER B 388 -25.09 17.48 0.00
C SER B 388 -25.79 16.23 -0.52
N GLU B 389 -24.99 15.23 -0.87
CA GLU B 389 -25.55 13.94 -1.23
C GLU B 389 -26.18 13.28 -0.02
N THR B 390 -27.19 12.45 -0.27
CA THR B 390 -27.92 11.75 0.77
C THR B 390 -27.83 10.25 0.54
N ARG B 391 -27.82 9.50 1.65
CA ARG B 391 -27.82 8.04 1.61
C ARG B 391 -29.04 7.48 2.33
N ASN B 392 -29.48 6.33 1.84
CA ASN B 392 -30.56 5.57 2.43
C ASN B 392 -30.01 4.28 3.01
N PHE B 393 -30.65 3.78 4.06
CA PHE B 393 -30.25 2.51 4.64
C PHE B 393 -30.26 1.40 3.60
N GLU B 394 -31.26 1.41 2.71
CA GLU B 394 -31.28 0.45 1.62
C GLU B 394 -30.30 0.84 0.52
N LYS B 395 -30.04 2.14 0.35
CA LYS B 395 -29.01 2.56 -0.59
C LYS B 395 -27.62 2.11 -0.14
N CYS B 396 -27.38 2.06 1.17
CA CYS B 396 -26.11 1.55 1.67
C CYS B 396 -25.96 0.06 1.38
N ILE B 397 -27.06 -0.69 1.47
CA ILE B 397 -27.01 -2.12 1.14
C ILE B 397 -26.78 -2.29 -0.36
N GLU B 398 -27.44 -1.49 -1.19
CA GLU B 398 -27.27 -1.60 -2.63
C GLU B 398 -25.87 -1.17 -3.06
N SER B 399 -25.24 -0.27 -2.31
CA SER B 399 -23.91 0.21 -2.64
C SER B 399 -22.80 -0.61 -2.00
N GLY B 400 -23.14 -1.66 -1.26
CA GLY B 400 -22.14 -2.51 -0.64
C GLY B 400 -21.48 -1.94 0.60
N VAL B 401 -21.96 -0.80 1.11
CA VAL B 401 -21.36 -0.23 2.30
C VAL B 401 -21.61 -1.11 3.51
N ILE B 402 -22.72 -1.85 3.52
CA ILE B 402 -23.02 -2.78 4.61
C ILE B 402 -23.53 -4.08 4.02
N PRO B 403 -23.29 -5.19 4.73
CA PRO B 403 -23.81 -6.48 4.27
C PRO B 403 -25.33 -6.46 4.18
N ARG B 404 -25.86 -7.30 3.29
CA ARG B 404 -27.29 -7.27 3.00
C ARG B 404 -28.13 -7.72 4.18
N ASP B 405 -27.64 -8.68 4.97
CA ASP B 405 -28.39 -9.17 6.13
C ASP B 405 -28.37 -8.22 7.30
N ALA B 406 -27.76 -7.04 7.16
CA ALA B 406 -27.74 -6.06 8.23
C ALA B 406 -29.15 -5.61 8.58
N THR B 407 -29.41 -5.47 9.87
CA THR B 407 -30.72 -5.04 10.36
C THR B 407 -30.63 -3.61 10.88
N LEU B 408 -31.75 -2.90 10.80
CA LEU B 408 -31.82 -1.53 11.29
C LEU B 408 -32.14 -1.52 12.78
N GLY B 409 -31.48 -0.62 13.50
CA GLY B 409 -31.78 -0.45 14.91
C GLY B 409 -33.16 0.11 15.13
N SER B 410 -33.70 -0.16 16.33
CA SER B 410 -35.04 0.30 16.67
C SER B 410 -35.14 1.83 16.74
N ASP B 411 -34.02 2.53 16.70
CA ASP B 411 -34.00 3.99 16.73
C ASP B 411 -33.92 4.61 15.34
N LEU B 412 -34.01 3.80 14.29
CA LEU B 412 -33.96 4.29 12.92
C LEU B 412 -35.09 3.68 12.11
N SER B 413 -35.26 4.17 10.89
CA SER B 413 -36.32 3.71 10.02
C SER B 413 -35.85 3.80 8.58
N ARG B 414 -36.64 3.20 7.67
CA ARG B 414 -36.29 3.23 6.25
C ARG B 414 -36.33 4.64 5.69
N SER B 415 -37.22 5.49 6.21
CA SER B 415 -37.36 6.84 5.72
C SER B 415 -36.29 7.79 6.24
N HIS B 416 -35.45 7.35 7.16
CA HIS B 416 -34.40 8.21 7.70
C HIS B 416 -33.34 8.49 6.62
N VAL B 417 -32.86 9.73 6.59
CA VAL B 417 -31.91 10.19 5.58
C VAL B 417 -30.55 10.33 6.24
N PHE B 418 -29.52 9.79 5.59
CA PHE B 418 -28.15 9.84 6.09
C PHE B 418 -27.40 10.96 5.38
N SER B 419 -26.90 11.94 6.17
CA SER B 419 -26.14 13.07 5.66
C SER B 419 -24.65 12.88 5.90
N PRO B 420 -23.79 13.46 5.05
CA PRO B 420 -22.34 13.24 5.23
C PRO B 420 -21.73 14.01 6.39
N TRP B 421 -22.34 15.11 6.80
CA TRP B 421 -21.80 15.90 7.91
C TRP B 421 -22.90 16.17 8.93
N PRO B 422 -22.53 16.35 10.19
CA PRO B 422 -23.53 16.61 11.24
C PRO B 422 -24.08 18.03 11.15
N LYS B 423 -25.36 18.13 10.80
CA LYS B 423 -26.12 19.38 10.85
C LYS B 423 -26.48 19.62 12.32
N PRO B 424 -27.16 20.72 12.67
CA PRO B 424 -27.51 20.91 14.10
C PRO B 424 -28.31 19.74 14.65
N GLU B 425 -27.90 19.29 15.85
CA GLU B 425 -28.47 18.17 16.58
C GLU B 425 -28.43 16.84 15.81
N TYR B 426 -27.69 16.79 14.71
CA TYR B 426 -27.54 15.55 13.96
C TYR B 426 -26.58 14.61 14.68
N VAL B 427 -26.87 13.32 14.64
CA VAL B 427 -26.05 12.31 15.31
C VAL B 427 -25.50 11.33 14.27
N PRO B 428 -24.32 10.76 14.51
CA PRO B 428 -23.76 9.81 13.54
C PRO B 428 -24.58 8.54 13.43
N VAL B 429 -24.60 7.98 12.23
CA VAL B 429 -25.29 6.73 11.94
C VAL B 429 -24.23 5.65 11.80
N PHE B 430 -24.09 4.82 12.82
CA PHE B 430 -23.05 3.79 12.86
C PHE B 430 -23.53 2.50 12.24
N ALA B 431 -22.59 1.72 11.72
CA ALA B 431 -22.82 0.36 11.28
C ALA B 431 -21.94 -0.56 12.12
N PHE B 432 -22.55 -1.32 13.02
CA PHE B 432 -21.83 -2.15 13.97
C PHE B 432 -21.92 -3.61 13.58
N GLN B 433 -20.79 -4.31 13.65
CA GLN B 433 -20.77 -5.77 13.68
C GLN B 433 -20.52 -6.20 15.11
N LEU B 434 -21.50 -6.86 15.71
CA LEU B 434 -21.44 -7.20 17.13
C LEU B 434 -20.48 -8.35 17.36
N LYS B 435 -19.61 -8.20 18.36
CA LYS B 435 -18.75 -9.30 18.78
C LYS B 435 -19.55 -10.49 19.30
N LYS B 436 -20.80 -10.27 19.70
CA LYS B 436 -21.62 -11.33 20.27
C LYS B 436 -21.94 -12.40 19.22
N ASP B 437 -22.64 -12.01 18.15
CA ASP B 437 -23.16 -12.96 17.18
C ASP B 437 -22.76 -12.63 15.75
N SER B 438 -21.79 -11.75 15.55
CA SER B 438 -21.33 -11.30 14.24
C SER B 438 -22.42 -10.63 13.41
N THR B 439 -23.53 -10.24 14.03
CA THR B 439 -24.61 -9.59 13.32
C THR B 439 -24.26 -8.14 13.03
N TRP B 440 -24.86 -7.61 11.97
CA TRP B 440 -24.68 -6.22 11.56
C TRP B 440 -25.92 -5.42 11.91
N VAL B 441 -25.74 -4.33 12.65
CA VAL B 441 -26.83 -3.46 13.07
C VAL B 441 -26.46 -2.02 12.74
N VAL B 442 -27.42 -1.27 12.21
CA VAL B 442 -27.25 0.14 11.90
C VAL B 442 -28.04 0.93 12.92
N THR B 443 -27.36 1.83 13.63
CA THR B 443 -27.99 2.56 14.71
C THR B 443 -27.18 3.82 15.03
N THR B 444 -27.81 4.73 15.76
CA THR B 444 -27.15 5.93 16.28
C THR B 444 -26.94 5.85 17.78
N ASP B 445 -27.18 4.68 18.39
CA ASP B 445 -27.05 4.49 19.82
C ASP B 445 -25.96 3.46 20.09
N PRO B 446 -24.70 3.88 20.17
CA PRO B 446 -23.64 2.90 20.46
C PRO B 446 -23.67 2.40 21.89
N SER B 447 -24.22 3.17 22.83
CA SER B 447 -24.25 2.76 24.23
C SER B 447 -25.13 1.54 24.44
N LYS B 448 -26.18 1.39 23.63
CA LYS B 448 -27.11 0.28 23.81
C LYS B 448 -26.42 -1.07 23.58
N TYR B 449 -25.61 -1.16 22.53
CA TYR B 449 -24.92 -2.40 22.19
C TYR B 449 -23.57 -2.53 22.86
N ALA B 450 -23.11 -1.50 23.57
CA ALA B 450 -21.85 -1.55 24.30
C ALA B 450 -22.05 -1.78 25.79
N ALA B 451 -23.27 -1.65 26.30
CA ALA B 451 -23.52 -1.85 27.73
C ALA B 451 -23.25 -3.29 28.11
N LEU B 452 -22.56 -3.47 29.24
CA LEU B 452 -22.15 -4.80 29.69
C LEU B 452 -23.15 -5.45 30.63
N GLY B 453 -24.05 -4.68 31.22
CA GLY B 453 -24.91 -5.21 32.26
C GLY B 453 -24.28 -5.23 33.63
N GLU B 454 -23.07 -4.70 33.78
CA GLU B 454 -22.39 -4.62 35.06
C GLU B 454 -22.47 -3.20 35.61
N LYS B 455 -22.19 -3.08 36.91
CA LYS B 455 -22.28 -1.80 37.60
C LYS B 455 -20.90 -1.38 38.09
N ASP B 456 -20.74 -0.07 38.26
CA ASP B 456 -19.51 0.46 38.84
C ASP B 456 -19.44 0.11 40.33
N SER B 457 -18.28 0.37 40.92
CA SER B 457 -18.17 0.29 42.37
C SER B 457 -19.03 1.35 43.04
N LYS B 458 -19.33 2.45 42.35
CA LYS B 458 -20.29 3.43 42.82
C LYS B 458 -21.73 3.08 42.43
N GLY B 459 -21.90 2.21 41.44
CA GLY B 459 -23.22 1.85 40.95
C GLY B 459 -23.56 2.37 39.58
N GLN B 460 -22.61 2.97 38.87
CA GLN B 460 -22.87 3.50 37.54
C GLN B 460 -22.77 2.41 36.49
N GLU B 461 -23.51 2.59 35.41
CA GLU B 461 -23.54 1.62 34.32
C GLU B 461 -22.18 1.57 33.61
N LEU B 462 -21.82 0.37 33.15
CA LEU B 462 -20.53 0.14 32.51
C LEU B 462 -20.73 -0.25 31.05
N TYR B 463 -19.85 0.25 30.20
CA TYR B 463 -19.90 0.01 28.76
C TYR B 463 -18.52 -0.38 28.26
N SER B 464 -18.46 -0.82 27.01
CA SER B 464 -17.17 -1.15 26.38
C SER B 464 -17.36 -1.25 24.88
N VAL B 465 -16.60 -0.44 24.13
CA VAL B 465 -16.61 -0.56 22.68
C VAL B 465 -15.68 -1.68 22.23
N ALA B 466 -14.63 -1.96 23.00
CA ALA B 466 -13.61 -2.91 22.57
C ALA B 466 -14.16 -4.32 22.43
N MET B 467 -14.88 -4.80 23.45
CA MET B 467 -15.34 -6.19 23.45
C MET B 467 -16.75 -6.35 22.90
N SER B 468 -17.44 -5.27 22.55
CA SER B 468 -18.78 -5.36 22.01
C SER B 468 -18.83 -5.35 20.49
N PHE B 469 -17.93 -4.63 19.83
CA PHE B 469 -17.99 -4.41 18.40
C PHE B 469 -16.80 -5.06 17.71
N SER B 470 -17.08 -5.90 16.72
CA SER B 470 -16.01 -6.47 15.89
C SER B 470 -15.64 -5.54 14.75
N GLU B 471 -16.59 -4.75 14.25
CA GLU B 471 -16.34 -3.79 13.19
C GLU B 471 -17.17 -2.54 13.46
N ILE B 472 -16.61 -1.37 13.13
CA ILE B 472 -17.28 -0.10 13.30
C ILE B 472 -17.20 0.67 11.99
N ARG B 473 -18.36 1.04 11.45
CA ARG B 473 -18.44 1.85 10.23
C ARG B 473 -19.37 3.03 10.47
N LEU B 474 -19.15 4.09 9.70
CA LEU B 474 -19.98 5.29 9.77
C LEU B 474 -20.76 5.43 8.47
N LEU B 475 -22.08 5.37 8.57
CA LEU B 475 -22.95 5.51 7.41
C LEU B 475 -23.36 6.95 7.15
N GLY B 476 -23.08 7.86 8.07
CA GLY B 476 -23.45 9.25 7.89
C GLY B 476 -24.05 9.86 9.15
N PHE B 477 -24.92 10.85 8.97
CA PHE B 477 -25.54 11.54 10.10
C PHE B 477 -27.03 11.73 9.82
N THR B 478 -27.83 11.70 10.88
CA THR B 478 -29.26 11.88 10.77
C THR B 478 -29.78 12.53 12.04
N SER B 479 -31.05 12.94 12.00
CA SER B 479 -31.70 13.61 13.12
C SER B 479 -32.56 12.61 13.89
N ILE B 480 -32.40 12.59 15.21
CA ILE B 480 -33.19 11.75 16.10
C ILE B 480 -34.19 12.64 16.83
N SER B 481 -35.47 12.34 16.67
CA SER B 481 -36.52 13.13 17.31
C SER B 481 -37.76 12.27 17.59
C5 X6Y C . 3.53 -12.01 -27.77
C6 X6Y C . 2.81 -13.22 -27.36
C2 X6Y C . 3.93 -9.93 -29.64
C4 X6Y C . 4.14 -12.31 -29.11
C3 X6Y C . 4.80 -11.14 -29.68
C1 X6Y C . 3.26 -9.73 -28.29
O5 X6Y C . 2.54 -10.90 -27.87
O4 X6Y C . 3.07 -12.64 -30.02
O1 X6Y C . 4.22 -9.52 -27.36
O3 X6Y C . 5.02 -11.57 -31.05
S1 X6Y C . 4.26 -7.65 -30.94
O6 X6Y C . 2.96 -8.08 -31.56
O7 X6Y C . 4.18 -6.30 -30.28
O8 X6Y C . 5.19 -7.57 -32.11
O2 X6Y C . 4.74 -8.79 -29.88
C5 X2Y C . 5.23 -10.91 -33.63
C4 X2Y C . 5.98 -12.11 -34.20
C3 X2Y C . 6.18 -13.10 -33.16
C2 X2Y C . 6.97 -12.46 -32.04
C1 X2Y C . 6.28 -11.21 -31.48
O5 X2Y C . 6.05 -10.26 -32.54
C6 X2Y C . 4.98 -9.92 -34.68
O3 X2Y C . 6.98 -14.20 -33.72
S1 X2Y C . 8.60 -14.02 -30.79
O6 X2Y C . 8.55 -15.12 -29.79
O7 X2Y C . 9.59 -12.97 -30.45
O8 X2Y C . 9.04 -14.82 -31.97
O2 X2Y C . 7.07 -13.42 -31.00
S2 X2Y C . 7.71 -11.68 -36.18
O9 X2Y C . 6.50 -11.99 -36.99
O10 X2Y C . 8.32 -10.34 -36.45
O11 X2Y C . 8.63 -12.79 -36.54
O4 X2Y C . 7.33 -11.72 -34.57
C1 FUC C . 6.13 -15.12 -34.27
C2 FUC C . 6.91 -15.94 -35.26
C3 FUC C . 8.01 -16.66 -34.59
C4 FUC C . 7.54 -17.51 -33.48
C5 FUC C . 6.68 -16.72 -32.50
C6 FUC C . 6.05 -17.64 -31.50
O2 FUC C . 7.47 -15.04 -36.23
O3 FUC C . 8.63 -17.54 -35.56
O4 FUC C . 6.76 -18.56 -34.07
O5 FUC C . 5.60 -15.99 -33.19
C5 X6Y C . 10.74 -16.30 -36.94
C6 X6Y C . 11.61 -15.12 -37.11
C2 X6Y C . 10.54 -18.95 -35.89
C4 X6Y C . 11.38 -17.51 -37.59
C3 X6Y C . 10.53 -18.68 -37.34
C1 X6Y C . 9.94 -17.74 -35.16
O5 X6Y C . 10.61 -16.50 -35.48
O4 X6Y C . 12.68 -17.70 -36.99
O3 X6Y C . 11.01 -19.85 -38.08
S1 X6Y C . 8.58 -20.63 -36.50
O6 X6Y C . 9.04 -21.68 -37.48
O7 X6Y C . 7.82 -19.51 -37.20
O8 X6Y C . 7.61 -21.46 -35.73
O2 X6Y C . 9.81 -20.12 -35.55
C5 X6Y D . -3.69 10.83 28.86
C6 X6Y D . -4.50 11.23 30.03
C2 X6Y D . -1.18 11.11 30.19
C4 X6Y D . -2.79 11.96 28.47
C3 X6Y D . -1.80 12.30 29.50
C1 X6Y D . -2.11 9.93 30.41
O5 X6Y D . -2.88 9.63 29.22
O4 X6Y D . -3.68 13.05 28.24
O1 X6Y D . -1.36 8.82 30.69
O3 X6Y D . -2.38 13.19 30.53
S1 X6Y D . 1.29 10.33 30.24
O6 X6Y D . 2.41 10.08 29.29
O7 X6Y D . 1.61 11.39 31.27
O8 X6Y D . 1.21 8.97 30.87
O2 X6Y D . -0.08 10.67 29.42
C5 X2Y D . -1.22 13.21 33.06
C4 X2Y D . -1.80 14.47 33.70
C3 X2Y D . -2.73 15.11 32.80
C2 X2Y D . -2.08 15.39 31.47
C1 X2Y D . -1.43 14.15 30.85
O5 X2Y D . -0.50 13.56 31.79
C6 X2Y D . -0.26 12.56 33.96
O3 X2Y D . -3.13 16.40 33.40
S1 X2Y D . -2.77 17.39 30.02
O6 X2Y D . -1.32 17.74 29.99
O7 X2Y D . -3.40 17.56 28.67
O8 X2Y D . -3.28 18.39 31.01
O2 X2Y D . -3.08 15.87 30.57
S2 X2Y D . -0.35 15.75 35.51
O9 X2Y D . 1.09 15.46 35.73
O10 X2Y D . -0.67 17.16 35.85
O11 X2Y D . -1.02 14.80 36.43
O4 X2Y D . -0.74 15.41 33.92
C1 FUC D . -4.23 16.17 34.20
C2 FUC D . -4.43 17.36 35.12
C3 FUC D . -4.73 18.58 34.35
C4 FUC D . -5.90 18.41 33.46
C5 FUC D . -5.70 17.21 32.54
C6 FUC D . -6.96 16.98 31.76
O2 FUC D . -3.23 17.57 35.89
O3 FUC D . -5.05 19.66 35.31
O4 FUC D . -7.05 18.19 34.29
O5 FUC D . -5.38 15.99 33.30
C5 X6Y D . -2.62 20.77 35.81
C6 X6Y D . -1.18 21.07 35.56
C2 X6Y D . -5.13 22.03 35.68
C4 X6Y D . -3.13 21.72 36.89
C3 X6Y D . -4.59 21.65 37.01
C1 X6Y D . -4.76 20.88 34.73
O5 X6Y D . -3.35 20.92 34.52
O4 X6Y D . -2.77 23.07 36.52
O3 X6Y D . -5.07 22.57 38.04
S1 X6Y D . -7.71 21.24 35.41
O6 X6Y D . -9.04 21.92 35.41
O7 X6Y D . -7.68 20.08 36.37
O8 X6Y D . -7.71 20.81 33.98
O2 X6Y D . -6.52 22.31 35.77
#